data_7K86
#
_entry.id   7K86
#
_cell.length_a   85.400
_cell.length_b   69.110
_cell.length_c   103.820
_cell.angle_alpha   90.000
_cell.angle_beta   110.060
_cell.angle_gamma   90.000
#
_symmetry.space_group_name_H-M   'P 1 21 1'
#
loop_
_entity.id
_entity.type
_entity.pdbx_description
1 polymer 'Glutamate--tRNA ligase'
2 non-polymer 'ACETATE ION'
3 non-polymer 1,2-ETHANEDIOL
4 water water
#
_entity_poly.entity_id   1
_entity_poly.type   'polypeptide(L)'
_entity_poly.pdbx_seq_one_letter_code
;MAHHHHHHMTCRTRFAPSPTGYLHIGGARTALYCWLEARHRGGEFVLRIEDTDRERSTQGAIDAILEAMEWLGLDYDEGP
IYQTDRVARYLEVAEQLVADGKAYYAYETREELDAMREAAMARQEKPRYNGAARDLGLPRRDDPNRVIRFKNPLEGTVVF
DDLIKGRIEIANSELDDMVIFRPDGYPTYNFAVVVDDWDMGITEVIRGDDHINNTPRQINLYEGIGAPVPKFGHMPMILD
EQGAKLSKRTGAADVMQYKDAGYLPDALLSYLARLGWSHGDQELFSRQELIELFDVKDCNSKASRLDMAKLGWVNQHFLK
TEDVAAIVPHLVYQLQKLGLDVAAGPAPEDVVVALRERVQTLKEMAEKAVVWYQPLTEYDEAAVAKHFKAGAEVALGKAR
ELLAALPEWTAESVGVALHDAAAALEIGMGKVAQPLRVAITGTQVSPDISHTVYLAGREQALKRIDVAITKVATA
;
_entity_poly.pdbx_strand_id   A,B
#
# COMPACT_ATOMS: atom_id res chain seq x y z
N MET A 9 -18.72 44.63 -0.20
CA MET A 9 -19.08 44.53 -1.62
C MET A 9 -18.85 43.11 -2.16
N THR A 10 -17.63 42.85 -2.63
CA THR A 10 -17.27 41.55 -3.20
C THR A 10 -17.25 40.46 -2.14
N CYS A 11 -17.88 39.33 -2.45
CA CYS A 11 -17.88 38.19 -1.53
C CYS A 11 -16.47 37.70 -1.30
N ARG A 12 -16.11 37.49 -0.03
CA ARG A 12 -14.77 37.03 0.34
C ARG A 12 -14.89 35.99 1.43
N THR A 13 -14.37 34.78 1.16
CA THR A 13 -14.39 33.66 2.08
C THR A 13 -12.98 33.21 2.37
N ARG A 14 -12.84 32.36 3.38
CA ARG A 14 -11.52 31.89 3.73
C ARG A 14 -11.59 30.46 4.21
N PHE A 15 -10.48 29.74 4.02
CA PHE A 15 -10.23 28.47 4.69
C PHE A 15 -9.06 28.71 5.63
N ALA A 16 -9.26 28.41 6.91
CA ALA A 16 -8.28 28.80 7.94
C ALA A 16 -7.96 27.58 8.80
N PRO A 17 -7.32 26.56 8.22
CA PRO A 17 -7.04 25.35 8.98
C PRO A 17 -5.91 25.58 9.97
N SER A 18 -5.92 24.80 11.04
CA SER A 18 -4.77 24.69 11.91
C SER A 18 -4.05 23.40 11.57
N PRO A 19 -2.78 23.42 11.17
CA PRO A 19 -2.16 22.20 10.60
C PRO A 19 -1.97 21.12 11.66
N THR A 20 -2.59 19.97 11.41
CA THR A 20 -2.42 18.80 12.27
C THR A 20 -1.49 17.75 11.68
N GLY A 21 -1.17 17.85 10.39
CA GLY A 21 -0.34 16.84 9.73
C GLY A 21 -0.91 16.40 8.40
N TYR A 22 -2.22 16.55 8.24
CA TYR A 22 -2.87 16.18 6.97
C TYR A 22 -4.16 16.96 6.86
N LEU A 23 -4.67 17.05 5.64
CA LEU A 23 -5.98 17.68 5.43
C LEU A 23 -7.07 16.63 5.69
N HIS A 24 -7.82 16.84 6.75
CA HIS A 24 -9.02 16.05 7.04
C HIS A 24 -10.09 16.32 5.98
N ILE A 25 -10.87 15.29 5.63
CA ILE A 25 -11.90 15.55 4.63
C ILE A 25 -12.99 16.46 5.14
N GLY A 26 -13.16 16.57 6.46
CA GLY A 26 -14.02 17.62 6.99
C GLY A 26 -13.49 19.00 6.63
N GLY A 27 -12.17 19.19 6.77
CA GLY A 27 -11.57 20.44 6.34
C GLY A 27 -11.65 20.65 4.83
N ALA A 28 -11.50 19.57 4.06
CA ALA A 28 -11.67 19.68 2.62
C ALA A 28 -13.08 20.13 2.27
N ARG A 29 -14.08 19.55 2.95
CA ARG A 29 -15.44 19.97 2.68
C ARG A 29 -15.64 21.44 3.01
N THR A 30 -15.04 21.90 4.11
CA THR A 30 -15.12 23.32 4.46
C THR A 30 -14.45 24.18 3.41
N ALA A 31 -13.22 23.83 3.03
CA ALA A 31 -12.58 24.56 1.94
C ALA A 31 -13.46 24.55 0.70
N LEU A 32 -14.07 23.42 0.37
CA LEU A 32 -14.88 23.32 -0.83
C LEU A 32 -16.03 24.31 -0.80
N TYR A 33 -16.80 24.32 0.29
CA TYR A 33 -17.93 25.24 0.37
C TYR A 33 -17.45 26.69 0.31
N CYS A 34 -16.36 27.02 1.00
CA CYS A 34 -15.88 28.40 0.92
C CYS A 34 -15.46 28.75 -0.49
N TRP A 35 -14.76 27.82 -1.14
CA TRP A 35 -14.32 28.00 -2.52
C TRP A 35 -15.53 28.16 -3.44
N LEU A 36 -16.55 27.31 -3.26
CA LEU A 36 -17.71 27.37 -4.17
C LEU A 36 -18.50 28.65 -3.95
N GLU A 37 -18.67 29.06 -2.69
CA GLU A 37 -19.37 30.31 -2.43
C GLU A 37 -18.67 31.48 -3.11
N ALA A 38 -17.36 31.58 -2.94
CA ALA A 38 -16.60 32.66 -3.58
C ALA A 38 -16.71 32.59 -5.11
N ARG A 39 -16.54 31.38 -5.66
CA ARG A 39 -16.54 31.25 -7.11
C ARG A 39 -17.92 31.57 -7.69
N HIS A 40 -18.97 31.06 -7.07
CA HIS A 40 -20.32 31.36 -7.55
C HIS A 40 -20.58 32.86 -7.53
N ARG A 41 -20.04 33.55 -6.53
CA ARG A 41 -20.31 34.98 -6.39
C ARG A 41 -19.21 35.84 -6.99
N GLY A 42 -18.27 35.24 -7.72
CA GLY A 42 -17.25 36.03 -8.39
C GLY A 42 -16.33 36.76 -7.45
N GLY A 43 -16.19 36.27 -6.22
CA GLY A 43 -15.35 36.90 -5.23
C GLY A 43 -14.04 36.18 -5.03
N GLU A 44 -13.45 36.34 -3.85
CA GLU A 44 -12.12 35.84 -3.55
C GLU A 44 -12.19 34.80 -2.45
N PHE A 45 -11.33 33.79 -2.59
CA PHE A 45 -11.17 32.71 -1.62
C PHE A 45 -9.76 32.81 -1.04
N VAL A 46 -9.68 33.00 0.29
CA VAL A 46 -8.44 33.28 1.00
C VAL A 46 -8.01 32.04 1.76
N LEU A 47 -6.73 31.68 1.66
CA LEU A 47 -6.16 30.58 2.44
C LEU A 47 -5.34 31.16 3.58
N ARG A 48 -5.75 30.87 4.81
CA ARG A 48 -5.04 31.27 6.02
C ARG A 48 -4.58 30.04 6.79
N ILE A 49 -3.33 30.02 7.25
CA ILE A 49 -2.81 28.92 8.06
C ILE A 49 -2.69 29.41 9.51
N GLU A 50 -3.51 28.83 10.41
N GLU A 50 -3.49 28.85 10.42
CA GLU A 50 -3.44 29.10 11.84
CA GLU A 50 -3.42 29.27 11.82
C GLU A 50 -2.27 28.30 12.40
C GLU A 50 -2.32 28.44 12.48
N ASP A 51 -1.07 28.87 12.28
CA ASP A 51 0.16 28.15 12.55
C ASP A 51 0.90 28.62 13.80
N THR A 52 0.24 29.28 14.75
CA THR A 52 0.96 29.81 15.91
C THR A 52 1.60 28.68 16.74
N ASP A 53 0.87 27.60 16.96
CA ASP A 53 1.43 26.41 17.61
C ASP A 53 2.60 25.89 16.77
N ARG A 54 3.84 26.26 17.14
CA ARG A 54 5.02 25.87 16.38
C ARG A 54 5.23 24.36 16.34
N GLU A 55 4.70 23.61 17.32
CA GLU A 55 4.91 22.17 17.34
C GLU A 55 4.01 21.46 16.33
N ARG A 56 2.70 21.75 16.37
CA ARG A 56 1.78 21.11 15.46
C ARG A 56 2.02 21.54 14.01
N SER A 57 2.34 22.81 13.80
CA SER A 57 2.38 23.38 12.45
C SER A 57 3.81 23.31 11.89
N THR A 58 4.31 22.08 11.77
CA THR A 58 5.56 21.88 11.06
C THR A 58 5.39 22.24 9.59
N GLN A 59 6.51 22.51 8.94
CA GLN A 59 6.45 22.82 7.51
C GLN A 59 5.85 21.65 6.73
N GLY A 60 6.16 20.43 7.15
CA GLY A 60 5.60 19.27 6.48
C GLY A 60 4.09 19.21 6.58
N ALA A 61 3.55 19.59 7.75
CA ALA A 61 2.10 19.61 7.92
C ALA A 61 1.46 20.70 7.07
N ILE A 62 2.11 21.84 6.94
CA ILE A 62 1.61 22.89 6.06
C ILE A 62 1.62 22.42 4.61
N ASP A 63 2.72 21.77 4.20
CA ASP A 63 2.81 21.29 2.83
C ASP A 63 1.72 20.26 2.54
N ALA A 64 1.33 19.46 3.53
CA ALA A 64 0.26 18.48 3.32
C ALA A 64 -1.04 19.18 2.96
N ILE A 65 -1.37 20.26 3.66
CA ILE A 65 -2.56 21.04 3.33
C ILE A 65 -2.45 21.59 1.93
N LEU A 66 -1.32 22.24 1.62
CA LEU A 66 -1.14 22.81 0.28
C LEU A 66 -1.21 21.75 -0.82
N GLU A 67 -0.55 20.61 -0.61
CA GLU A 67 -0.57 19.57 -1.64
CA GLU A 67 -0.58 19.58 -1.64
C GLU A 67 -1.98 19.01 -1.82
N ALA A 68 -2.73 18.85 -0.73
CA ALA A 68 -4.08 18.31 -0.85
C ALA A 68 -5.00 19.30 -1.55
N MET A 69 -4.85 20.59 -1.25
CA MET A 69 -5.69 21.56 -1.94
C MET A 69 -5.37 21.62 -3.43
N GLU A 70 -4.09 21.53 -3.78
CA GLU A 70 -3.72 21.45 -5.19
C GLU A 70 -4.33 20.20 -5.84
N TRP A 71 -4.29 19.07 -5.15
CA TRP A 71 -4.86 17.85 -5.74
C TRP A 71 -6.35 18.01 -6.00
N LEU A 72 -7.06 18.74 -5.13
CA LEU A 72 -8.49 18.92 -5.31
C LEU A 72 -8.83 20.05 -6.26
N GLY A 73 -7.85 20.79 -6.77
CA GLY A 73 -8.17 21.93 -7.61
C GLY A 73 -8.76 23.11 -6.87
N LEU A 74 -8.58 23.18 -5.56
CA LEU A 74 -9.14 24.28 -4.78
C LEU A 74 -8.08 25.39 -4.73
N ASP A 75 -7.98 26.10 -5.84
CA ASP A 75 -7.06 27.22 -5.89
C ASP A 75 -7.57 28.35 -4.99
N TYR A 76 -6.64 29.11 -4.42
CA TYR A 76 -6.98 30.22 -3.55
C TYR A 76 -6.47 31.51 -4.19
N ASP A 77 -7.32 32.54 -4.15
CA ASP A 77 -6.96 33.84 -4.70
C ASP A 77 -5.85 34.52 -3.93
N GLU A 78 -5.84 34.33 -2.62
CA GLU A 78 -4.90 35.02 -1.73
C GLU A 78 -4.38 34.02 -0.72
N GLY A 79 -3.12 34.18 -0.35
CA GLY A 79 -2.51 33.32 0.63
C GLY A 79 -1.49 32.39 0.01
N PRO A 80 -0.96 31.44 0.79
CA PRO A 80 -1.33 31.25 2.19
C PRO A 80 -0.86 32.40 3.08
N ILE A 81 -1.70 32.84 4.00
CA ILE A 81 -1.35 33.87 4.97
C ILE A 81 -1.12 33.20 6.31
N TYR A 82 0.01 33.48 6.95
CA TYR A 82 0.42 32.79 8.17
C TYR A 82 0.20 33.65 9.41
N GLN A 83 -0.44 33.06 10.42
CA GLN A 83 -0.65 33.79 11.67
C GLN A 83 0.66 34.18 12.33
N THR A 84 1.67 33.31 12.26
CA THR A 84 2.99 33.65 12.77
C THR A 84 3.62 34.81 12.01
N ASP A 85 3.07 35.22 10.87
CA ASP A 85 3.59 36.43 10.24
C ASP A 85 2.92 37.69 10.78
N ARG A 86 1.87 37.54 11.58
CA ARG A 86 0.98 38.66 11.92
C ARG A 86 1.00 39.00 13.42
N VAL A 87 2.03 38.59 14.15
CA VAL A 87 2.02 38.72 15.62
C VAL A 87 1.96 40.18 16.05
N ALA A 88 2.74 41.05 15.41
CA ALA A 88 2.72 42.45 15.83
C ALA A 88 1.36 43.09 15.56
N ARG A 89 0.65 42.63 14.50
CA ARG A 89 -0.69 43.16 14.24
C ARG A 89 -1.66 42.79 15.35
N TYR A 90 -1.62 41.53 15.79
CA TYR A 90 -2.47 41.11 16.90
C TYR A 90 -2.19 41.92 18.16
N LEU A 91 -0.91 42.15 18.46
CA LEU A 91 -0.57 42.89 19.68
C LEU A 91 -0.97 44.35 19.56
N GLU A 92 -0.83 44.93 18.37
CA GLU A 92 -1.25 46.31 18.13
C GLU A 92 -2.74 46.49 18.42
N VAL A 93 -3.57 45.59 17.89
CA VAL A 93 -5.00 45.69 18.11
C VAL A 93 -5.36 45.45 19.58
N ALA A 94 -4.74 44.42 20.18
CA ALA A 94 -4.97 44.15 21.59
C ALA A 94 -4.63 45.36 22.46
N GLU A 95 -3.46 45.95 22.22
CA GLU A 95 -3.06 47.07 23.05
C GLU A 95 -3.91 48.30 22.77
N GLN A 96 -4.42 48.45 21.55
CA GLN A 96 -5.32 49.57 21.28
C GLN A 96 -6.66 49.39 22.00
N LEU A 97 -7.16 48.16 22.07
CA LEU A 97 -8.38 47.91 22.85
C LEU A 97 -8.18 48.27 24.32
N VAL A 98 -7.01 47.94 24.88
CA VAL A 98 -6.71 48.34 26.24
C VAL A 98 -6.73 49.86 26.34
N ALA A 99 -5.96 50.54 25.46
CA ALA A 99 -5.90 51.99 25.49
C ALA A 99 -7.31 52.60 25.36
N ASP A 100 -8.18 51.99 24.54
CA ASP A 100 -9.53 52.50 24.40
C ASP A 100 -10.48 52.07 25.52
N GLY A 101 -9.99 51.32 26.50
CA GLY A 101 -10.84 50.93 27.61
C GLY A 101 -11.82 49.82 27.30
N LYS A 102 -11.57 49.04 26.26
CA LYS A 102 -12.43 47.91 25.91
C LYS A 102 -11.77 46.56 26.19
N ALA A 103 -10.53 46.56 26.69
CA ALA A 103 -9.84 45.35 27.14
C ALA A 103 -9.01 45.73 28.37
N TYR A 104 -8.55 44.73 29.12
CA TYR A 104 -7.83 45.02 30.35
C TYR A 104 -6.83 43.91 30.68
N TYR A 105 -5.84 44.28 31.49
CA TYR A 105 -4.89 43.31 32.01
C TYR A 105 -5.45 42.60 33.23
N ALA A 106 -5.19 41.31 33.32
CA ALA A 106 -5.51 40.51 34.50
C ALA A 106 -4.31 39.60 34.79
N TYR A 107 -4.24 39.14 36.03
CA TYR A 107 -3.01 38.48 36.48
C TYR A 107 -3.30 37.21 37.28
N GLU A 108 -4.53 36.74 37.32
CA GLU A 108 -4.87 35.62 38.18
C GLU A 108 -4.10 34.37 37.77
N THR A 109 -3.77 33.57 38.77
CA THR A 109 -3.07 32.31 38.56
C THR A 109 -4.05 31.27 38.03
N ARG A 110 -3.49 30.17 37.50
CA ARG A 110 -4.32 29.07 37.03
C ARG A 110 -5.14 28.50 38.16
N GLU A 111 -4.57 28.41 39.35
CA GLU A 111 -5.31 27.86 40.50
C GLU A 111 -6.33 28.84 41.01
N GLU A 112 -6.09 30.14 40.83
CA GLU A 112 -7.14 31.12 41.07
C GLU A 112 -8.28 30.96 40.07
N LEU A 113 -7.95 30.87 38.78
CA LEU A 113 -8.98 30.56 37.78
C LEU A 113 -9.58 29.18 38.04
N ASP A 114 -8.75 28.19 38.36
CA ASP A 114 -9.26 26.88 38.78
C ASP A 114 -10.18 27.01 39.99
N ALA A 115 -9.90 27.94 40.90
CA ALA A 115 -10.75 28.09 42.08
C ALA A 115 -12.13 28.64 41.73
N MET A 116 -12.27 29.31 40.59
CA MET A 116 -13.57 29.60 40.02
C MET A 116 -14.24 28.36 39.42
N ARG A 117 -13.76 27.16 39.80
CA ARG A 117 -14.51 25.94 39.52
C ARG A 117 -15.89 25.97 40.15
N GLU A 118 -15.99 26.59 41.33
CA GLU A 118 -17.22 26.72 42.11
C GLU A 118 -18.45 26.86 41.21
N ALA A 119 -18.93 25.72 40.72
CA ALA A 119 -20.23 25.61 40.09
C ALA A 119 -21.28 25.30 41.14
N ALA A 120 -22.49 25.81 40.93
CA ALA A 120 -23.56 25.66 41.90
C ALA A 120 -24.93 25.92 41.26
N GLU A 125 -23.21 28.53 39.06
CA GLU A 125 -23.64 27.57 38.04
C GLU A 125 -22.56 27.33 36.98
N LYS A 126 -22.82 27.76 35.75
CA LYS A 126 -21.91 27.51 34.65
C LYS A 126 -20.58 28.25 34.86
N PRO A 127 -19.45 27.60 34.57
CA PRO A 127 -18.15 28.24 34.81
C PRO A 127 -17.78 29.28 33.77
N ARG A 128 -17.08 30.32 34.24
CA ARG A 128 -16.68 31.48 33.43
C ARG A 128 -15.69 32.30 34.26
N TYR A 129 -15.27 33.43 33.71
CA TYR A 129 -14.36 34.31 34.43
C TYR A 129 -15.12 35.36 35.22
N ASN A 130 -14.55 35.71 36.39
CA ASN A 130 -15.19 36.58 37.38
C ASN A 130 -15.49 37.97 36.85
N GLY A 131 -14.69 38.45 35.90
CA GLY A 131 -14.67 39.87 35.61
C GLY A 131 -14.01 40.69 36.69
N ALA A 132 -13.28 40.06 37.62
CA ALA A 132 -12.73 40.77 38.77
C ALA A 132 -11.92 41.98 38.35
N ALA A 133 -10.99 41.82 37.41
CA ALA A 133 -10.05 42.86 37.04
C ALA A 133 -10.61 43.87 36.04
N ARG A 134 -11.90 43.73 35.70
CA ARG A 134 -12.46 44.40 34.52
C ARG A 134 -12.41 45.92 34.65
N ASP A 135 -12.81 46.45 35.80
CA ASP A 135 -12.80 47.89 36.00
C ASP A 135 -11.64 48.35 36.88
N LEU A 136 -10.67 47.46 37.17
CA LEU A 136 -9.58 47.87 38.05
C LEU A 136 -8.51 48.68 37.33
N GLY A 137 -8.53 48.72 35.99
CA GLY A 137 -7.56 49.50 35.24
C GLY A 137 -6.11 49.21 35.60
N LEU A 138 -5.75 47.94 35.70
CA LEU A 138 -4.42 47.59 36.14
C LEU A 138 -3.41 47.90 35.03
N PRO A 139 -2.26 48.48 35.37
CA PRO A 139 -1.24 48.68 34.35
C PRO A 139 -0.62 47.37 33.89
N ARG A 140 0.08 47.44 32.77
CA ARG A 140 0.94 46.34 32.35
C ARG A 140 2.09 46.17 33.32
N ARG A 141 2.33 44.95 33.77
CA ARG A 141 3.51 44.67 34.57
C ARG A 141 4.07 43.31 34.17
N ASP A 142 5.39 43.16 34.34
CA ASP A 142 6.07 41.91 34.05
C ASP A 142 5.55 40.81 34.98
N ASP A 143 4.82 39.83 34.44
CA ASP A 143 4.23 38.80 35.29
C ASP A 143 3.85 37.59 34.44
N PRO A 144 4.19 36.36 34.86
CA PRO A 144 3.93 35.19 34.01
C PRO A 144 2.46 34.87 33.83
N ASN A 145 1.55 35.46 34.60
CA ASN A 145 0.13 35.20 34.40
C ASN A 145 -0.60 36.38 33.76
N ARG A 146 0.14 37.33 33.19
CA ARG A 146 -0.50 38.50 32.57
C ARG A 146 -1.27 38.07 31.34
N VAL A 147 -2.57 38.40 31.31
CA VAL A 147 -3.40 38.23 30.13
C VAL A 147 -4.05 39.58 29.83
N ILE A 148 -4.49 39.71 28.58
CA ILE A 148 -5.41 40.77 28.18
C ILE A 148 -6.76 40.11 27.94
N ARG A 149 -7.79 40.67 28.54
CA ARG A 149 -9.14 40.17 28.42
C ARG A 149 -9.98 41.23 27.75
N PHE A 150 -10.90 40.80 26.90
CA PHE A 150 -11.85 41.71 26.28
C PHE A 150 -13.02 41.95 27.22
N LYS A 151 -13.49 43.19 27.28
CA LYS A 151 -14.71 43.52 28.03
C LYS A 151 -15.93 43.16 27.18
N ASN A 152 -16.44 41.95 27.39
CA ASN A 152 -17.69 41.53 26.78
C ASN A 152 -18.86 42.31 27.38
N PRO A 153 -19.93 42.55 26.61
CA PRO A 153 -21.11 43.21 27.17
C PRO A 153 -21.64 42.47 28.39
N LEU A 154 -21.78 43.26 29.46
N LEU A 154 -22.12 43.21 29.39
CA LEU A 154 -22.70 43.03 30.55
CA LEU A 154 -22.58 42.52 30.60
C LEU A 154 -24.08 43.45 30.04
C LEU A 154 -24.00 41.95 30.51
N GLU A 155 -24.81 42.44 29.59
CA GLU A 155 -26.26 42.27 29.59
C GLU A 155 -26.73 42.09 28.15
N GLY A 156 -28.03 41.82 28.00
CA GLY A 156 -28.58 41.62 26.69
C GLY A 156 -28.11 40.31 26.07
N THR A 157 -28.53 40.13 24.82
CA THR A 157 -28.24 38.90 24.08
C THR A 157 -27.51 39.25 22.79
N VAL A 158 -26.79 38.27 22.27
CA VAL A 158 -26.21 38.37 20.94
C VAL A 158 -27.10 37.59 19.98
N VAL A 159 -27.44 38.22 18.86
CA VAL A 159 -28.28 37.62 17.83
C VAL A 159 -27.50 37.59 16.53
N PHE A 160 -27.61 36.48 15.80
CA PHE A 160 -27.14 36.46 14.43
C PHE A 160 -27.95 35.44 13.64
N ASP A 161 -28.09 35.71 12.36
CA ASP A 161 -28.82 34.85 11.45
C ASP A 161 -27.79 34.00 10.74
N ASP A 162 -27.53 32.81 11.26
CA ASP A 162 -26.59 31.91 10.62
C ASP A 162 -27.11 31.52 9.24
N LEU A 163 -26.23 31.57 8.24
CA LEU A 163 -26.64 31.27 6.86
C LEU A 163 -27.20 29.85 6.74
N ILE A 164 -26.69 28.92 7.54
CA ILE A 164 -27.12 27.53 7.50
C ILE A 164 -28.12 27.21 8.59
N LYS A 165 -27.84 27.65 9.83
CA LYS A 165 -28.61 27.23 10.99
C LYS A 165 -29.77 28.16 11.32
N GLY A 166 -29.84 29.34 10.71
CA GLY A 166 -30.92 30.26 11.05
C GLY A 166 -30.58 31.15 12.22
N ARG A 167 -31.61 31.57 12.94
CA ARG A 167 -31.48 32.56 13.99
C ARG A 167 -30.94 31.92 15.25
N ILE A 168 -29.79 32.42 15.73
CA ILE A 168 -29.15 31.94 16.95
C ILE A 168 -29.11 33.09 17.94
N GLU A 169 -29.42 32.81 19.21
CA GLU A 169 -29.43 33.84 20.25
C GLU A 169 -28.81 33.29 21.51
N ILE A 170 -27.74 33.92 21.99
CA ILE A 170 -27.03 33.51 23.20
C ILE A 170 -27.07 34.66 24.20
N ALA A 171 -27.38 34.35 25.46
CA ALA A 171 -27.33 35.36 26.51
C ALA A 171 -25.89 35.73 26.84
N ASN A 172 -25.65 37.03 27.09
CA ASN A 172 -24.29 37.47 27.40
C ASN A 172 -23.81 36.95 28.74
N SER A 173 -24.72 36.78 29.71
CA SER A 173 -24.36 36.22 31.00
C SER A 173 -23.81 34.80 30.89
N GLU A 174 -23.96 34.15 29.73
CA GLU A 174 -23.32 32.87 29.44
C GLU A 174 -21.90 33.04 28.92
N LEU A 175 -21.54 34.23 28.47
CA LEU A 175 -20.20 34.52 28.00
C LEU A 175 -19.43 35.22 29.12
N ASP A 176 -18.13 35.39 28.91
CA ASP A 176 -17.32 36.10 29.89
C ASP A 176 -16.34 37.00 29.16
N ASP A 177 -15.47 37.65 29.94
CA ASP A 177 -14.43 38.51 29.42
C ASP A 177 -13.28 37.63 28.96
N MET A 178 -13.37 37.18 27.71
CA MET A 178 -12.47 36.15 27.24
C MET A 178 -11.04 36.68 27.18
N VAL A 179 -10.09 35.78 27.43
CA VAL A 179 -8.70 36.10 27.16
C VAL A 179 -8.53 36.31 25.65
N ILE A 180 -7.91 37.42 25.29
CA ILE A 180 -7.55 37.66 23.91
C ILE A 180 -6.04 37.63 23.68
N PHE A 181 -5.24 37.82 24.72
CA PHE A 181 -3.80 37.69 24.57
C PHE A 181 -3.26 36.93 25.77
N ARG A 182 -2.43 35.93 25.47
CA ARG A 182 -1.95 34.93 26.40
C ARG A 182 -0.59 35.34 26.97
N PRO A 183 -0.21 34.79 28.13
CA PRO A 183 1.11 35.10 28.70
C PRO A 183 2.28 34.79 27.76
N ASP A 184 2.13 33.86 26.81
CA ASP A 184 3.24 33.43 25.99
C ASP A 184 3.43 34.29 24.74
N GLY A 185 2.77 35.43 24.67
CA GLY A 185 2.94 36.34 23.56
C GLY A 185 2.09 36.06 22.35
N TYR A 186 1.17 35.09 22.43
CA TYR A 186 0.32 34.77 21.29
C TYR A 186 -1.13 35.14 21.56
N PRO A 187 -1.87 35.53 20.52
CA PRO A 187 -3.31 35.78 20.70
C PRO A 187 -4.06 34.47 20.94
N THR A 188 -5.29 34.58 21.39
CA THR A 188 -6.11 33.39 21.46
C THR A 188 -6.84 33.22 20.12
N TYR A 189 -7.43 32.03 19.91
CA TYR A 189 -8.10 31.78 18.64
C TYR A 189 -9.19 32.82 18.38
N ASN A 190 -10.04 33.10 19.39
CA ASN A 190 -11.15 34.01 19.17
C ASN A 190 -10.67 35.41 18.82
N PHE A 191 -9.54 35.84 19.37
CA PHE A 191 -9.02 37.17 19.03
C PHE A 191 -8.37 37.19 17.64
N ALA A 192 -7.47 36.24 17.37
CA ALA A 192 -6.75 36.20 16.10
C ALA A 192 -7.70 36.07 14.91
N VAL A 193 -8.73 35.22 15.05
CA VAL A 193 -9.62 34.96 13.93
C VAL A 193 -10.43 36.21 13.61
N VAL A 194 -10.79 37.00 14.62
CA VAL A 194 -11.54 38.21 14.34
C VAL A 194 -10.63 39.23 13.66
N VAL A 195 -9.44 39.44 14.22
CA VAL A 195 -8.52 40.40 13.63
C VAL A 195 -8.21 40.01 12.19
N ASP A 196 -7.94 38.72 11.95
CA ASP A 196 -7.68 38.25 10.59
C ASP A 196 -8.89 38.46 9.68
N ASP A 197 -10.07 38.01 10.10
CA ASP A 197 -11.23 38.13 9.22
C ASP A 197 -11.56 39.58 8.95
N TRP A 198 -11.34 40.45 9.94
CA TRP A 198 -11.53 41.88 9.73
C TRP A 198 -10.49 42.43 8.76
N ASP A 199 -9.21 42.10 8.99
CA ASP A 199 -8.15 42.66 8.15
C ASP A 199 -8.31 42.21 6.70
N MET A 200 -8.77 41.00 6.47
CA MET A 200 -8.91 40.45 5.12
C MET A 200 -10.29 40.65 4.53
N GLY A 201 -11.13 41.48 5.17
CA GLY A 201 -12.44 41.80 4.63
C GLY A 201 -13.32 40.60 4.35
N ILE A 202 -13.20 39.54 5.15
CA ILE A 202 -14.06 38.38 5.01
C ILE A 202 -15.52 38.82 5.14
N THR A 203 -16.34 38.42 4.18
CA THR A 203 -17.75 38.77 4.25
C THR A 203 -18.63 37.62 4.73
N GLU A 204 -18.20 36.37 4.53
CA GLU A 204 -18.97 35.21 4.96
C GLU A 204 -18.02 34.19 5.56
N VAL A 205 -18.18 33.95 6.87
CA VAL A 205 -17.40 32.99 7.62
C VAL A 205 -18.15 31.67 7.60
N ILE A 206 -17.58 30.68 6.92
CA ILE A 206 -18.24 29.40 6.70
C ILE A 206 -17.34 28.33 7.28
N ARG A 207 -17.85 27.60 8.28
CA ARG A 207 -17.01 26.73 9.10
C ARG A 207 -17.89 25.69 9.79
N GLY A 208 -17.23 24.68 10.38
CA GLY A 208 -17.96 23.62 11.06
C GLY A 208 -18.68 24.13 12.30
N ASP A 209 -19.77 23.46 12.66
CA ASP A 209 -20.60 23.98 13.75
C ASP A 209 -20.04 23.68 15.13
N ASP A 210 -18.89 23.03 15.24
CA ASP A 210 -18.25 22.98 16.55
C ASP A 210 -17.65 24.32 16.93
N HIS A 211 -17.59 25.28 16.01
CA HIS A 211 -17.18 26.64 16.34
C HIS A 211 -18.34 27.57 16.63
N ILE A 212 -19.58 27.06 16.69
CA ILE A 212 -20.69 28.00 16.65
C ILE A 212 -20.83 28.76 17.97
N ASN A 213 -20.46 28.15 19.09
CA ASN A 213 -20.62 28.85 20.36
C ASN A 213 -19.59 29.96 20.57
N ASN A 214 -18.48 29.96 19.81
CA ASN A 214 -17.55 31.08 19.83
C ASN A 214 -18.01 32.25 18.98
N THR A 215 -18.99 32.04 18.10
CA THR A 215 -19.45 33.13 17.23
C THR A 215 -19.95 34.32 18.01
N PRO A 216 -20.86 34.20 18.98
CA PRO A 216 -21.27 35.40 19.73
C PRO A 216 -20.10 36.09 20.43
N ARG A 217 -19.11 35.34 20.92
CA ARG A 217 -17.91 35.98 21.46
C ARG A 217 -17.19 36.79 20.40
N GLN A 218 -17.08 36.23 19.18
CA GLN A 218 -16.41 36.95 18.10
C GLN A 218 -17.20 38.18 17.68
N ILE A 219 -18.51 38.04 17.55
CA ILE A 219 -19.36 39.16 17.15
C ILE A 219 -19.18 40.34 18.11
N ASN A 220 -19.22 40.07 19.41
CA ASN A 220 -18.98 41.14 20.37
C ASN A 220 -17.61 41.78 20.15
N LEU A 221 -16.62 40.96 19.82
CA LEU A 221 -15.29 41.51 19.58
C LEU A 221 -15.28 42.40 18.33
N TYR A 222 -15.93 41.98 17.25
CA TYR A 222 -16.09 42.86 16.10
C TYR A 222 -16.66 44.19 16.53
N GLU A 223 -17.71 44.15 17.36
CA GLU A 223 -18.42 45.38 17.70
C GLU A 223 -17.62 46.25 18.65
N GLY A 224 -16.82 45.64 19.54
CA GLY A 224 -15.92 46.43 20.35
C GLY A 224 -14.83 47.07 19.53
N ILE A 225 -14.41 46.40 18.46
CA ILE A 225 -13.37 46.93 17.58
C ILE A 225 -13.93 48.05 16.71
N GLY A 226 -15.22 48.01 16.40
CA GLY A 226 -15.77 48.92 15.41
C GLY A 226 -15.65 48.43 13.99
N ALA A 227 -15.48 47.13 13.79
CA ALA A 227 -15.36 46.37 12.55
C ALA A 227 -16.74 45.92 12.09
N PRO A 228 -17.01 45.93 10.78
CA PRO A 228 -18.28 45.36 10.32
C PRO A 228 -18.32 43.88 10.64
N VAL A 229 -19.50 43.40 11.01
CA VAL A 229 -19.69 42.01 11.41
C VAL A 229 -20.00 41.20 10.15
N PRO A 230 -19.25 40.16 9.85
CA PRO A 230 -19.58 39.34 8.67
C PRO A 230 -20.78 38.46 8.95
N LYS A 231 -21.31 37.88 7.88
CA LYS A 231 -22.26 36.79 8.03
C LYS A 231 -21.52 35.51 8.37
N PHE A 232 -22.24 34.58 9.00
CA PHE A 232 -21.68 33.31 9.46
C PHE A 232 -22.53 32.17 8.92
N GLY A 233 -21.87 31.05 8.61
CA GLY A 233 -22.55 29.83 8.24
C GLY A 233 -21.87 28.66 8.89
N HIS A 234 -22.63 27.82 9.60
CA HIS A 234 -22.03 26.73 10.36
C HIS A 234 -22.63 25.42 9.87
N MET A 235 -21.77 24.55 9.34
CA MET A 235 -22.07 23.24 8.79
C MET A 235 -21.95 22.18 9.88
N PRO A 236 -22.88 21.23 9.93
CA PRO A 236 -22.70 20.10 10.84
C PRO A 236 -21.49 19.27 10.42
N MET A 237 -20.79 18.74 11.40
CA MET A 237 -19.62 17.91 11.13
C MET A 237 -20.00 16.64 10.38
N ILE A 238 -19.08 16.19 9.53
CA ILE A 238 -19.23 14.89 8.87
C ILE A 238 -19.09 13.77 9.88
N LEU A 239 -19.99 12.79 9.83
CA LEU A 239 -19.95 11.60 10.67
C LEU A 239 -19.49 10.39 9.86
N ASP A 240 -19.01 9.37 10.58
CA ASP A 240 -18.63 8.13 9.90
C ASP A 240 -19.85 7.23 9.76
N GLU A 241 -19.66 6.08 9.11
CA GLU A 241 -20.79 5.20 8.82
C GLU A 241 -21.58 4.84 10.07
N GLN A 242 -20.89 4.60 11.19
CA GLN A 242 -21.59 4.24 12.42
C GLN A 242 -22.25 5.44 13.09
N GLY A 243 -21.99 6.65 12.60
CA GLY A 243 -22.59 7.84 13.17
C GLY A 243 -21.74 8.59 14.19
N ALA A 244 -20.48 8.22 14.35
CA ALA A 244 -19.57 8.91 15.26
C ALA A 244 -18.79 9.98 14.52
N LYS A 245 -18.25 10.93 15.29
CA LYS A 245 -17.44 11.99 14.70
C LYS A 245 -16.20 11.39 14.04
N LEU A 246 -15.81 11.97 12.90
CA LEU A 246 -14.85 11.33 12.02
C LEU A 246 -13.41 11.59 12.45
N SER A 247 -12.56 10.59 12.20
CA SER A 247 -11.13 10.66 12.52
C SER A 247 -10.40 9.63 11.67
N LYS A 248 -9.08 9.74 11.65
CA LYS A 248 -8.27 8.77 10.92
C LYS A 248 -8.51 7.35 11.41
N ARG A 249 -8.92 7.18 12.66
CA ARG A 249 -9.29 5.88 13.21
C ARG A 249 -10.79 5.63 13.06
N ALA A 252 -10.72 6.79 7.47
CA ALA A 252 -10.86 7.37 6.14
C ALA A 252 -10.90 8.90 6.19
N ALA A 253 -9.97 9.49 6.94
CA ALA A 253 -10.04 10.93 7.19
C ALA A 253 -9.08 11.76 6.35
N ASP A 254 -8.05 11.15 5.77
CA ASP A 254 -6.98 11.88 5.09
C ASP A 254 -7.30 11.97 3.60
N VAL A 255 -7.37 13.21 3.09
CA VAL A 255 -7.68 13.44 1.68
C VAL A 255 -6.74 12.63 0.79
N MET A 256 -5.45 12.58 1.14
CA MET A 256 -4.51 11.85 0.31
C MET A 256 -4.81 10.35 0.29
N GLN A 257 -5.47 9.82 1.33
CA GLN A 257 -5.88 8.41 1.27
C GLN A 257 -6.86 8.17 0.12
N TYR A 258 -7.71 9.15 -0.18
CA TYR A 258 -8.64 8.99 -1.27
C TYR A 258 -7.94 9.09 -2.62
N LYS A 259 -6.88 9.89 -2.71
CA LYS A 259 -6.05 9.88 -3.91
C LYS A 259 -5.41 8.50 -4.10
N ASP A 260 -4.83 7.95 -3.02
CA ASP A 260 -4.13 6.67 -3.14
C ASP A 260 -5.09 5.55 -3.48
N ALA A 261 -6.32 5.60 -2.96
CA ALA A 261 -7.36 4.62 -3.26
C ALA A 261 -7.87 4.68 -4.70
N GLY A 262 -7.53 5.73 -5.46
CA GLY A 262 -7.95 5.79 -6.83
C GLY A 262 -9.23 6.56 -7.10
N TYR A 263 -9.61 7.49 -6.22
CA TYR A 263 -10.77 8.33 -6.50
C TYR A 263 -10.34 9.58 -7.25
N LEU A 264 -11.17 9.99 -8.21
CA LEU A 264 -11.01 11.20 -8.99
C LEU A 264 -11.33 12.41 -8.12
N PRO A 265 -10.49 13.44 -8.17
CA PRO A 265 -10.75 14.65 -7.36
C PRO A 265 -12.16 15.19 -7.55
N ASP A 266 -12.59 15.38 -8.80
CA ASP A 266 -13.93 15.91 -9.05
C ASP A 266 -15.01 15.02 -8.47
N ALA A 267 -14.79 13.69 -8.46
CA ALA A 267 -15.78 12.80 -7.88
C ALA A 267 -15.84 12.96 -6.36
N LEU A 268 -14.67 13.01 -5.71
CA LEU A 268 -14.65 13.29 -4.27
C LEU A 268 -15.35 14.62 -3.96
N LEU A 269 -15.12 15.64 -4.80
CA LEU A 269 -15.74 16.94 -4.57
C LEU A 269 -17.25 16.89 -4.73
N SER A 270 -17.73 16.22 -5.79
CA SER A 270 -19.17 16.06 -5.97
C SER A 270 -19.78 15.34 -4.77
N TYR A 271 -19.09 14.32 -4.27
CA TYR A 271 -19.58 13.57 -3.13
C TYR A 271 -19.57 14.43 -1.87
N LEU A 272 -18.46 15.13 -1.62
CA LEU A 272 -18.39 15.97 -0.44
C LEU A 272 -19.45 17.08 -0.47
N ALA A 273 -19.66 17.69 -1.65
CA ALA A 273 -20.71 18.71 -1.77
C ALA A 273 -22.06 18.14 -1.35
N ARG A 274 -22.41 16.97 -1.90
CA ARG A 274 -23.71 16.37 -1.66
C ARG A 274 -23.85 15.90 -0.22
N LEU A 275 -22.74 15.77 0.50
CA LEU A 275 -22.79 15.38 1.91
C LEU A 275 -23.60 16.38 2.73
N GLY A 276 -23.31 17.68 2.59
CA GLY A 276 -23.98 18.68 3.37
C GLY A 276 -24.69 19.74 2.56
N TRP A 277 -25.05 19.40 1.32
CA TRP A 277 -25.70 20.36 0.44
C TRP A 277 -26.55 19.58 -0.54
N SER A 278 -27.59 20.23 -1.08
CA SER A 278 -28.46 19.52 -2.01
C SER A 278 -29.04 20.47 -3.03
N HIS A 279 -29.47 19.88 -4.14
CA HIS A 279 -30.10 20.62 -5.23
C HIS A 279 -31.16 19.70 -5.84
N GLY A 280 -32.38 19.80 -5.32
CA GLY A 280 -33.45 18.93 -5.81
C GLY A 280 -33.09 17.48 -5.58
N ASP A 281 -33.30 16.66 -6.60
CA ASP A 281 -32.94 15.26 -6.55
C ASP A 281 -31.64 14.96 -7.29
N GLN A 282 -30.89 16.00 -7.70
CA GLN A 282 -29.65 15.76 -8.42
C GLN A 282 -28.61 15.20 -7.47
N GLU A 283 -27.86 14.21 -7.95
CA GLU A 283 -26.90 13.52 -7.11
C GLU A 283 -25.46 13.65 -7.59
N LEU A 284 -25.25 14.12 -8.81
CA LEU A 284 -23.94 14.13 -9.43
C LEU A 284 -23.70 15.52 -10.00
N PHE A 285 -22.58 16.12 -9.64
CA PHE A 285 -22.29 17.50 -10.01
C PHE A 285 -20.89 17.59 -10.57
N SER A 286 -20.77 18.11 -11.79
CA SER A 286 -19.47 18.53 -12.26
C SER A 286 -19.00 19.72 -11.42
N ARG A 287 -17.69 19.99 -11.50
CA ARG A 287 -17.14 21.15 -10.81
C ARG A 287 -17.80 22.43 -11.32
N GLN A 288 -18.00 22.51 -12.64
CA GLN A 288 -18.69 23.66 -13.23
C GLN A 288 -20.12 23.76 -12.74
N GLU A 289 -20.80 22.63 -12.56
CA GLU A 289 -22.16 22.65 -12.04
C GLU A 289 -22.18 23.09 -10.56
N LEU A 290 -21.21 22.62 -9.77
CA LEU A 290 -21.13 23.06 -8.37
C LEU A 290 -20.99 24.57 -8.28
N ILE A 291 -20.12 25.15 -9.10
CA ILE A 291 -19.95 26.61 -9.09
C ILE A 291 -21.24 27.30 -9.47
N GLU A 292 -21.92 26.77 -10.49
CA GLU A 292 -23.15 27.40 -10.99
C GLU A 292 -24.25 27.33 -9.95
N LEU A 293 -24.32 26.24 -9.21
CA LEU A 293 -25.50 25.98 -8.41
C LEU A 293 -25.31 26.28 -6.93
N PHE A 294 -24.08 26.32 -6.43
CA PHE A 294 -23.88 26.35 -5.00
C PHE A 294 -24.33 27.69 -4.41
N ASP A 295 -25.04 27.59 -3.29
CA ASP A 295 -25.35 28.73 -2.42
C ASP A 295 -25.24 28.20 -1.00
N VAL A 296 -24.35 28.80 -0.18
CA VAL A 296 -24.15 28.30 1.17
C VAL A 296 -25.48 28.22 1.93
N LYS A 297 -26.44 29.09 1.61
CA LYS A 297 -27.74 29.07 2.28
C LYS A 297 -28.53 27.79 2.00
N ASP A 298 -28.20 27.02 0.96
CA ASP A 298 -28.86 25.75 0.68
C ASP A 298 -28.17 24.56 1.34
N CYS A 299 -27.22 24.80 2.23
CA CYS A 299 -26.56 23.71 2.93
C CYS A 299 -27.48 23.08 3.96
N ASN A 300 -27.35 21.77 4.13
CA ASN A 300 -28.13 21.06 5.14
C ASN A 300 -27.70 21.48 6.53
N SER A 301 -28.68 21.68 7.41
CA SER A 301 -28.41 21.90 8.83
C SER A 301 -28.29 20.60 9.61
N LYS A 302 -28.69 19.48 9.01
CA LYS A 302 -28.60 18.18 9.65
C LYS A 302 -27.32 17.46 9.20
N ALA A 303 -26.74 16.68 10.10
CA ALA A 303 -25.50 15.98 9.81
C ALA A 303 -25.74 14.79 8.89
N SER A 304 -24.71 14.43 8.14
CA SER A 304 -24.76 13.30 7.24
C SER A 304 -23.59 12.37 7.53
N ARG A 305 -23.79 11.09 7.26
CA ARG A 305 -22.75 10.11 7.49
C ARG A 305 -21.94 9.89 6.23
N LEU A 306 -20.69 9.51 6.41
CA LEU A 306 -19.92 9.04 5.27
C LEU A 306 -20.58 7.80 4.69
N ASP A 307 -20.30 7.54 3.42
CA ASP A 307 -20.85 6.37 2.74
C ASP A 307 -19.87 6.03 1.62
N MET A 308 -18.92 5.14 1.94
CA MET A 308 -17.91 4.76 0.96
C MET A 308 -18.55 4.16 -0.29
N ALA A 309 -19.70 3.50 -0.14
CA ALA A 309 -20.35 2.92 -1.31
C ALA A 309 -20.89 4.01 -2.23
N LYS A 310 -21.52 5.05 -1.67
CA LYS A 310 -21.99 6.14 -2.50
C LYS A 310 -20.83 6.79 -3.24
N LEU A 311 -19.70 6.97 -2.56
CA LEU A 311 -18.55 7.60 -3.18
C LEU A 311 -18.02 6.75 -4.34
N GLY A 312 -17.99 5.42 -4.17
CA GLY A 312 -17.59 4.57 -5.28
C GLY A 312 -18.56 4.70 -6.45
N TRP A 313 -19.85 4.72 -6.15
CA TRP A 313 -20.85 4.95 -7.18
C TRP A 313 -20.61 6.28 -7.87
N VAL A 314 -20.35 7.34 -7.08
CA VAL A 314 -20.05 8.65 -7.66
C VAL A 314 -18.82 8.56 -8.54
N ASN A 315 -17.75 7.92 -8.04
CA ASN A 315 -16.53 7.78 -8.82
C ASN A 315 -16.78 7.01 -10.12
N GLN A 316 -17.64 5.98 -10.09
CA GLN A 316 -17.94 5.24 -11.32
C GLN A 316 -18.53 6.15 -12.37
N HIS A 317 -19.44 7.04 -11.96
CA HIS A 317 -20.06 7.95 -12.92
C HIS A 317 -19.01 8.86 -13.56
N PHE A 318 -18.12 9.43 -12.75
CA PHE A 318 -17.10 10.31 -13.31
C PHE A 318 -16.15 9.55 -14.22
N LEU A 319 -15.73 8.35 -13.80
CA LEU A 319 -14.97 7.49 -14.71
C LEU A 319 -15.73 7.26 -16.02
N LYS A 320 -17.05 7.12 -15.93
CA LYS A 320 -17.86 6.82 -17.12
C LYS A 320 -18.07 8.05 -18.02
N THR A 321 -18.01 9.27 -17.48
CA THR A 321 -18.45 10.44 -18.25
C THR A 321 -17.39 11.53 -18.43
N GLU A 322 -16.36 11.58 -17.60
CA GLU A 322 -15.30 12.57 -17.74
CA GLU A 322 -15.36 12.62 -17.78
C GLU A 322 -14.55 12.36 -19.05
N ASP A 323 -13.89 13.41 -19.53
CA ASP A 323 -13.05 13.25 -20.71
C ASP A 323 -11.90 12.29 -20.41
N VAL A 324 -11.56 11.45 -21.39
CA VAL A 324 -10.50 10.45 -21.16
C VAL A 324 -9.22 11.12 -20.71
N ALA A 325 -8.82 12.19 -21.41
CA ALA A 325 -7.59 12.91 -21.07
C ALA A 325 -7.63 13.52 -19.67
N ALA A 326 -8.82 13.70 -19.09
CA ALA A 326 -8.90 14.16 -17.71
C ALA A 326 -8.67 13.03 -16.73
N ILE A 327 -9.07 11.81 -17.07
CA ILE A 327 -8.86 10.65 -16.21
C ILE A 327 -7.41 10.20 -16.27
N VAL A 328 -6.79 10.31 -17.46
CA VAL A 328 -5.50 9.68 -17.73
C VAL A 328 -4.43 9.96 -16.66
N PRO A 329 -4.14 11.21 -16.28
CA PRO A 329 -3.04 11.40 -15.33
C PRO A 329 -3.29 10.70 -14.01
N HIS A 330 -4.56 10.53 -13.63
CA HIS A 330 -4.87 9.82 -12.39
C HIS A 330 -4.66 8.31 -12.52
N LEU A 331 -4.88 7.75 -13.72
CA LEU A 331 -4.48 6.36 -13.92
C LEU A 331 -2.96 6.22 -13.89
N VAL A 332 -2.27 7.10 -14.62
CA VAL A 332 -0.81 7.06 -14.69
C VAL A 332 -0.21 7.05 -13.29
N TYR A 333 -0.76 7.86 -12.37
CA TYR A 333 -0.28 7.86 -10.99
C TYR A 333 -0.33 6.45 -10.39
N GLN A 334 -1.42 5.72 -10.64
CA GLN A 334 -1.55 4.37 -10.10
C GLN A 334 -0.66 3.37 -10.84
N LEU A 335 -0.48 3.56 -12.15
CA LEU A 335 0.45 2.72 -12.89
C LEU A 335 1.86 2.85 -12.35
N GLN A 336 2.28 4.07 -12.02
CA GLN A 336 3.63 4.28 -11.52
C GLN A 336 3.79 3.70 -10.11
N LYS A 337 2.74 3.76 -9.29
CA LYS A 337 2.79 3.14 -7.97
C LYS A 337 3.16 1.66 -8.06
N LEU A 338 2.71 0.98 -9.10
CA LEU A 338 2.97 -0.43 -9.27
C LEU A 338 4.31 -0.70 -9.92
N GLY A 339 5.11 0.33 -10.17
CA GLY A 339 6.42 0.15 -10.76
C GLY A 339 6.38 -0.31 -12.21
N LEU A 340 5.39 0.13 -12.98
CA LEU A 340 5.20 -0.34 -14.35
C LEU A 340 5.89 0.57 -15.35
N ASP A 341 6.46 -0.03 -16.39
CA ASP A 341 7.05 0.70 -17.52
C ASP A 341 5.92 1.12 -18.46
N VAL A 342 5.30 2.27 -18.16
CA VAL A 342 4.15 2.72 -18.94
C VAL A 342 4.52 2.89 -20.40
N ALA A 343 5.76 3.33 -20.68
CA ALA A 343 6.17 3.62 -22.05
C ALA A 343 6.10 2.38 -22.94
N ALA A 344 6.47 1.21 -22.40
CA ALA A 344 6.51 0.01 -23.22
C ALA A 344 5.14 -0.64 -23.39
N GLY A 345 4.20 -0.34 -22.51
CA GLY A 345 2.88 -0.93 -22.60
C GLY A 345 1.92 -0.06 -23.38
N PRO A 346 0.63 -0.35 -23.27
CA PRO A 346 -0.36 0.40 -24.04
C PRO A 346 -0.46 1.83 -23.56
N ALA A 347 -0.96 2.69 -24.45
CA ALA A 347 -1.24 4.07 -24.07
C ALA A 347 -2.26 4.08 -22.94
N PRO A 348 -2.02 4.85 -21.86
CA PRO A 348 -2.98 4.88 -20.76
C PRO A 348 -4.38 5.30 -21.18
N GLU A 349 -4.51 6.14 -22.22
CA GLU A 349 -5.85 6.52 -22.67
C GLU A 349 -6.61 5.31 -23.21
N ASP A 350 -5.90 4.40 -23.89
CA ASP A 350 -6.55 3.18 -24.36
C ASP A 350 -6.97 2.29 -23.19
N VAL A 351 -6.16 2.21 -22.15
CA VAL A 351 -6.55 1.46 -20.95
C VAL A 351 -7.82 2.05 -20.34
N VAL A 352 -7.85 3.39 -20.19
CA VAL A 352 -9.04 4.04 -19.64
C VAL A 352 -10.27 3.69 -20.47
N VAL A 353 -10.16 3.78 -21.79
CA VAL A 353 -11.31 3.46 -22.65
C VAL A 353 -11.79 2.03 -22.39
N ALA A 354 -10.87 1.09 -22.25
CA ALA A 354 -11.27 -0.31 -22.12
C ALA A 354 -11.84 -0.62 -20.74
N LEU A 355 -11.46 0.14 -19.70
CA LEU A 355 -11.78 -0.23 -18.32
C LEU A 355 -12.68 0.74 -17.57
N ARG A 356 -12.89 1.95 -18.08
CA ARG A 356 -13.56 3.00 -17.31
C ARG A 356 -14.97 2.60 -16.88
N GLU A 357 -15.66 1.77 -17.65
CA GLU A 357 -17.01 1.39 -17.31
C GLU A 357 -17.06 0.15 -16.42
N ARG A 358 -15.92 -0.44 -16.12
CA ARG A 358 -15.83 -1.75 -15.51
C ARG A 358 -15.19 -1.75 -14.12
N VAL A 359 -14.74 -0.60 -13.63
CA VAL A 359 -14.04 -0.52 -12.35
C VAL A 359 -14.66 0.59 -11.51
N GLN A 360 -14.31 0.55 -10.21
CA GLN A 360 -14.77 1.57 -9.28
C GLN A 360 -13.70 2.61 -8.95
N THR A 361 -12.41 2.25 -9.02
CA THR A 361 -11.33 3.20 -8.76
C THR A 361 -10.23 3.03 -9.78
N LEU A 362 -9.33 4.02 -9.83
CA LEU A 362 -8.18 3.92 -10.71
C LEU A 362 -7.09 3.00 -10.16
N LYS A 363 -7.08 2.76 -8.84
CA LYS A 363 -6.22 1.73 -8.29
C LYS A 363 -6.60 0.38 -8.84
N GLU A 364 -7.90 0.06 -8.79
CA GLU A 364 -8.43 -1.15 -9.41
C GLU A 364 -8.11 -1.19 -10.90
N MET A 365 -8.29 -0.06 -11.59
CA MET A 365 -7.97 -0.03 -13.02
C MET A 365 -6.51 -0.35 -13.25
N ALA A 366 -5.61 0.25 -12.47
CA ALA A 366 -4.19 -0.01 -12.64
C ALA A 366 -3.87 -1.47 -12.37
N GLU A 367 -4.43 -2.04 -11.30
CA GLU A 367 -4.16 -3.44 -10.98
C GLU A 367 -4.64 -4.37 -12.09
N LYS A 368 -5.79 -4.07 -12.69
CA LYS A 368 -6.31 -4.90 -13.76
C LYS A 368 -5.57 -4.68 -15.08
N ALA A 369 -4.78 -3.62 -15.19
CA ALA A 369 -4.05 -3.33 -16.40
C ALA A 369 -2.65 -3.91 -16.40
N VAL A 370 -2.19 -4.43 -15.25
CA VAL A 370 -0.84 -4.96 -15.14
C VAL A 370 -0.55 -5.97 -16.24
N VAL A 371 -1.55 -6.77 -16.62
CA VAL A 371 -1.36 -7.85 -17.58
C VAL A 371 -0.86 -7.35 -18.93
N TRP A 372 -1.08 -6.07 -19.27
CA TRP A 372 -0.60 -5.52 -20.52
C TRP A 372 0.75 -4.81 -20.40
N TYR A 373 1.27 -4.62 -19.20
CA TYR A 373 2.52 -3.88 -19.00
C TYR A 373 3.69 -4.77 -18.61
N GLN A 374 3.48 -6.09 -18.59
CA GLN A 374 4.55 -7.01 -18.23
C GLN A 374 4.36 -8.30 -19.02
N PRO A 375 5.41 -9.11 -19.15
CA PRO A 375 5.26 -10.36 -19.90
C PRO A 375 4.25 -11.27 -19.22
N LEU A 376 3.66 -12.16 -20.00
CA LEU A 376 2.72 -13.14 -19.50
C LEU A 376 3.51 -14.38 -19.12
N THR A 377 3.55 -14.69 -17.82
CA THR A 377 4.31 -15.83 -17.32
C THR A 377 3.49 -16.80 -16.48
N GLU A 378 2.41 -16.37 -15.84
CA GLU A 378 1.66 -17.24 -14.94
C GLU A 378 0.27 -17.48 -15.51
N TYR A 379 -0.04 -18.73 -15.85
CA TYR A 379 -1.34 -19.12 -16.36
C TYR A 379 -2.20 -19.72 -15.26
N ASP A 380 -3.47 -19.34 -15.24
CA ASP A 380 -4.44 -20.05 -14.42
C ASP A 380 -4.66 -21.45 -14.98
N GLU A 381 -4.37 -22.47 -14.16
CA GLU A 381 -4.44 -23.86 -14.61
C GLU A 381 -5.85 -24.25 -15.01
N ALA A 382 -6.84 -23.83 -14.23
CA ALA A 382 -8.23 -24.12 -14.58
C ALA A 382 -8.62 -23.44 -15.90
N ALA A 383 -8.09 -22.24 -16.15
CA ALA A 383 -8.39 -21.55 -17.41
C ALA A 383 -7.80 -22.30 -18.60
N VAL A 384 -6.55 -22.74 -18.48
CA VAL A 384 -5.91 -23.52 -19.54
C VAL A 384 -6.72 -24.79 -19.80
N ALA A 385 -7.18 -25.44 -18.73
CA ALA A 385 -7.89 -26.71 -18.86
C ALA A 385 -9.21 -26.55 -19.59
N LYS A 386 -9.92 -25.44 -19.33
CA LYS A 386 -11.24 -25.25 -19.94
C LYS A 386 -11.14 -24.88 -21.40
N HIS A 387 -10.21 -23.99 -21.76
CA HIS A 387 -10.26 -23.29 -23.04
C HIS A 387 -9.10 -23.61 -23.98
N PHE A 388 -8.13 -24.41 -23.56
CA PHE A 388 -7.04 -24.83 -24.44
C PHE A 388 -7.15 -26.30 -24.82
N LYS A 389 -8.36 -26.84 -24.83
CA LYS A 389 -8.59 -28.21 -25.26
C LYS A 389 -8.27 -28.35 -26.74
N ALA A 390 -8.02 -29.60 -27.17
CA ALA A 390 -7.84 -29.88 -28.59
C ALA A 390 -8.95 -29.25 -29.39
N GLY A 391 -8.59 -28.56 -30.48
CA GLY A 391 -9.52 -27.83 -31.32
C GLY A 391 -9.42 -26.33 -31.15
N ALA A 392 -9.01 -25.87 -29.95
CA ALA A 392 -8.88 -24.44 -29.70
C ALA A 392 -7.83 -23.79 -30.58
N GLU A 393 -6.86 -24.57 -31.10
CA GLU A 393 -5.84 -23.98 -31.94
CA GLU A 393 -5.83 -24.00 -31.96
C GLU A 393 -6.40 -23.47 -33.26
N VAL A 394 -7.55 -23.97 -33.70
CA VAL A 394 -8.14 -23.50 -34.95
C VAL A 394 -8.56 -22.05 -34.82
N ALA A 395 -9.37 -21.74 -33.81
CA ALA A 395 -9.71 -20.34 -33.54
C ALA A 395 -8.47 -19.50 -33.30
N LEU A 396 -7.56 -19.99 -32.47
CA LEU A 396 -6.36 -19.21 -32.12
C LEU A 396 -5.51 -18.93 -33.36
N GLY A 397 -5.27 -19.96 -34.19
CA GLY A 397 -4.47 -19.76 -35.39
C GLY A 397 -5.15 -18.85 -36.39
N LYS A 398 -6.47 -18.97 -36.52
CA LYS A 398 -7.20 -18.08 -37.43
C LYS A 398 -7.13 -16.64 -36.93
N ALA A 399 -7.35 -16.41 -35.64
CA ALA A 399 -7.21 -15.07 -35.10
C ALA A 399 -5.80 -14.55 -35.29
N ARG A 400 -4.81 -15.39 -34.98
CA ARG A 400 -3.40 -14.99 -35.12
C ARG A 400 -3.12 -14.54 -36.55
N GLU A 401 -3.62 -15.31 -37.52
CA GLU A 401 -3.37 -14.99 -38.92
C GLU A 401 -4.03 -13.67 -39.30
N LEU A 402 -5.29 -13.47 -38.92
CA LEU A 402 -5.98 -12.24 -39.29
C LEU A 402 -5.40 -11.03 -38.57
N LEU A 403 -5.04 -11.19 -37.29
CA LEU A 403 -4.43 -10.08 -36.56
C LEU A 403 -3.07 -9.71 -37.13
N ALA A 404 -2.28 -10.71 -37.53
CA ALA A 404 -0.96 -10.41 -38.09
C ALA A 404 -1.06 -9.65 -39.40
N ALA A 405 -2.17 -9.78 -40.12
CA ALA A 405 -2.31 -9.12 -41.42
C ALA A 405 -2.92 -7.74 -41.34
N LEU A 406 -3.35 -7.30 -40.16
CA LEU A 406 -3.89 -5.96 -40.02
C LEU A 406 -2.84 -4.95 -40.46
N PRO A 407 -3.18 -4.00 -41.34
CA PRO A 407 -2.21 -2.94 -41.69
C PRO A 407 -2.02 -1.95 -40.57
N GLU A 408 -3.07 -1.71 -39.78
CA GLU A 408 -3.02 -0.81 -38.65
C GLU A 408 -3.49 -1.59 -37.42
N TRP A 409 -2.98 -1.19 -36.26
CA TRP A 409 -3.30 -1.86 -35.01
C TRP A 409 -4.09 -0.88 -34.14
N THR A 410 -5.41 -1.04 -34.13
CA THR A 410 -6.28 -0.24 -33.28
C THR A 410 -7.33 -1.15 -32.67
N ALA A 411 -8.00 -0.64 -31.64
CA ALA A 411 -9.09 -1.40 -31.03
C ALA A 411 -10.13 -1.78 -32.06
N GLU A 412 -10.49 -0.84 -32.95
CA GLU A 412 -11.48 -1.12 -34.00
C GLU A 412 -10.98 -2.19 -34.96
N SER A 413 -9.74 -2.07 -35.42
CA SER A 413 -9.24 -3.00 -36.44
C SER A 413 -9.04 -4.40 -35.85
N VAL A 414 -8.59 -4.47 -34.59
CA VAL A 414 -8.53 -5.75 -33.89
C VAL A 414 -9.92 -6.38 -33.82
N GLY A 415 -10.93 -5.58 -33.43
CA GLY A 415 -12.29 -6.09 -33.40
C GLY A 415 -12.74 -6.66 -34.73
N VAL A 416 -12.38 -6.00 -35.83
CA VAL A 416 -12.74 -6.52 -37.15
C VAL A 416 -12.05 -7.85 -37.41
N ALA A 417 -10.76 -7.94 -37.06
CA ALA A 417 -10.04 -9.18 -37.29
C ALA A 417 -10.65 -10.33 -36.51
N LEU A 418 -11.04 -10.08 -35.26
CA LEU A 418 -11.63 -11.14 -34.45
C LEU A 418 -13.01 -11.53 -34.97
N HIS A 419 -13.82 -10.55 -35.38
CA HIS A 419 -15.12 -10.90 -35.97
C HIS A 419 -14.94 -11.62 -37.30
N ASP A 420 -13.97 -11.18 -38.11
CA ASP A 420 -13.68 -11.90 -39.35
C ASP A 420 -13.25 -13.33 -39.07
N ALA A 421 -12.50 -13.55 -38.00
CA ALA A 421 -12.07 -14.90 -37.66
C ALA A 421 -13.26 -15.80 -37.37
N ALA A 422 -14.20 -15.32 -36.56
CA ALA A 422 -15.38 -16.13 -36.26
C ALA A 422 -16.22 -16.36 -37.51
N ALA A 423 -16.41 -15.32 -38.32
CA ALA A 423 -17.19 -15.47 -39.55
C ALA A 423 -16.50 -16.43 -40.52
N ALA A 424 -15.17 -16.34 -40.63
CA ALA A 424 -14.44 -17.24 -41.53
C ALA A 424 -14.58 -18.69 -41.10
N LEU A 425 -14.54 -18.96 -39.79
CA LEU A 425 -14.70 -20.32 -39.32
C LEU A 425 -16.17 -20.70 -39.13
N GLU A 426 -17.08 -19.74 -39.31
CA GLU A 426 -18.51 -19.93 -39.07
C GLU A 426 -18.76 -20.46 -37.65
N ILE A 427 -18.20 -19.75 -36.67
CA ILE A 427 -18.40 -20.09 -35.26
C ILE A 427 -18.86 -18.85 -34.50
N GLY A 428 -19.45 -19.08 -33.33
CA GLY A 428 -19.79 -17.98 -32.45
C GLY A 428 -18.55 -17.30 -31.91
N MET A 429 -18.69 -16.01 -31.58
CA MET A 429 -17.56 -15.23 -31.07
C MET A 429 -16.97 -15.85 -29.81
N GLY A 430 -17.78 -16.56 -29.02
CA GLY A 430 -17.27 -17.16 -27.79
C GLY A 430 -16.17 -18.19 -28.06
N LYS A 431 -16.27 -18.92 -29.17
CA LYS A 431 -15.22 -19.87 -29.55
C LYS A 431 -13.92 -19.17 -29.90
N VAL A 432 -13.98 -17.90 -30.24
CA VAL A 432 -12.76 -17.12 -30.42
C VAL A 432 -12.35 -16.43 -29.13
N ALA A 433 -13.29 -15.78 -28.44
CA ALA A 433 -12.94 -14.93 -27.30
C ALA A 433 -12.45 -15.75 -26.11
N GLN A 434 -13.12 -16.86 -25.79
CA GLN A 434 -12.76 -17.62 -24.59
C GLN A 434 -11.29 -18.07 -24.62
N PRO A 435 -10.80 -18.78 -25.65
CA PRO A 435 -9.36 -19.13 -25.61
C PRO A 435 -8.45 -17.94 -25.81
N LEU A 436 -8.84 -16.96 -26.60
CA LEU A 436 -8.04 -15.76 -26.80
C LEU A 436 -7.84 -15.01 -25.49
N ARG A 437 -8.86 -15.02 -24.63
CA ARG A 437 -8.75 -14.37 -23.32
C ARG A 437 -7.67 -15.05 -22.48
N VAL A 438 -7.63 -16.38 -22.49
CA VAL A 438 -6.58 -17.08 -21.76
C VAL A 438 -5.23 -16.84 -22.43
N ALA A 439 -5.20 -16.80 -23.76
CA ALA A 439 -3.97 -16.51 -24.48
C ALA A 439 -3.37 -15.17 -24.04
N ILE A 440 -4.20 -14.13 -23.95
CA ILE A 440 -3.65 -12.80 -23.68
C ILE A 440 -3.37 -12.60 -22.20
N THR A 441 -4.23 -13.11 -21.31
CA THR A 441 -4.13 -12.76 -19.89
C THR A 441 -3.72 -13.91 -19.00
N GLY A 442 -3.75 -15.15 -19.48
CA GLY A 442 -3.57 -16.30 -18.62
C GLY A 442 -4.76 -16.63 -17.75
N THR A 443 -5.87 -15.90 -17.88
CA THR A 443 -7.05 -16.07 -17.04
C THR A 443 -8.28 -16.04 -17.93
N GLN A 444 -9.44 -16.34 -17.33
CA GLN A 444 -10.71 -16.17 -18.01
C GLN A 444 -11.45 -14.92 -17.56
N VAL A 445 -10.73 -13.91 -17.10
CA VAL A 445 -11.33 -12.63 -16.69
C VAL A 445 -10.58 -11.51 -17.41
N SER A 446 -11.30 -10.74 -18.22
CA SER A 446 -10.72 -9.59 -18.90
C SER A 446 -11.88 -8.72 -19.39
N PRO A 447 -11.60 -7.50 -19.83
CA PRO A 447 -12.67 -6.69 -20.44
C PRO A 447 -12.98 -7.18 -21.85
N ASP A 448 -13.59 -6.32 -22.67
CA ASP A 448 -13.95 -6.71 -24.02
C ASP A 448 -12.76 -7.37 -24.72
N ILE A 449 -13.01 -8.48 -25.41
CA ILE A 449 -11.90 -9.27 -25.95
C ILE A 449 -11.11 -8.46 -26.96
N SER A 450 -11.80 -7.63 -27.76
CA SER A 450 -11.06 -6.85 -28.75
C SER A 450 -10.10 -5.87 -28.08
N HIS A 451 -10.57 -5.17 -27.05
CA HIS A 451 -9.66 -4.28 -26.33
C HIS A 451 -8.56 -5.08 -25.63
N THR A 452 -8.92 -6.23 -25.02
CA THR A 452 -7.89 -7.02 -24.33
C THR A 452 -6.76 -7.40 -25.27
N VAL A 453 -7.10 -7.85 -26.48
CA VAL A 453 -6.08 -8.14 -27.48
C VAL A 453 -5.34 -6.87 -27.89
N TYR A 454 -6.09 -5.82 -28.24
CA TYR A 454 -5.49 -4.58 -28.70
C TYR A 454 -4.47 -4.02 -27.70
N LEU A 455 -4.81 -4.06 -26.41
CA LEU A 455 -3.98 -3.45 -25.37
C LEU A 455 -2.67 -4.20 -25.14
N ALA A 456 -2.55 -5.43 -25.64
CA ALA A 456 -1.26 -6.11 -25.54
C ALA A 456 -0.25 -5.53 -26.53
N GLY A 457 -0.71 -4.83 -27.54
CA GLY A 457 0.14 -4.42 -28.63
C GLY A 457 0.35 -5.56 -29.61
N ARG A 458 0.76 -5.19 -30.83
CA ARG A 458 0.81 -6.19 -31.90
C ARG A 458 1.83 -7.28 -31.58
N GLU A 459 3.02 -6.90 -31.13
CA GLU A 459 4.07 -7.91 -30.88
C GLU A 459 3.64 -8.88 -29.78
N GLN A 460 3.18 -8.35 -28.65
CA GLN A 460 2.81 -9.22 -27.53
C GLN A 460 1.60 -10.07 -27.87
N ALA A 461 0.64 -9.52 -28.61
CA ALA A 461 -0.55 -10.30 -28.93
C ALA A 461 -0.18 -11.54 -29.75
N LEU A 462 0.66 -11.35 -30.76
CA LEU A 462 1.05 -12.48 -31.60
C LEU A 462 1.89 -13.49 -30.81
N LYS A 463 2.85 -12.99 -30.02
CA LYS A 463 3.68 -13.91 -29.23
C LYS A 463 2.84 -14.71 -28.25
N ARG A 464 1.93 -14.04 -27.53
CA ARG A 464 1.11 -14.72 -26.53
C ARG A 464 0.19 -15.76 -27.16
N ILE A 465 -0.40 -15.43 -28.31
CA ILE A 465 -1.23 -16.41 -29.02
C ILE A 465 -0.38 -17.60 -29.46
N ASP A 466 0.84 -17.36 -29.96
CA ASP A 466 1.72 -18.45 -30.36
C ASP A 466 1.99 -19.40 -29.19
N VAL A 467 2.32 -18.84 -28.03
CA VAL A 467 2.46 -19.64 -26.82
C VAL A 467 1.17 -20.42 -26.53
N ALA A 468 0.03 -19.74 -26.60
CA ALA A 468 -1.24 -20.42 -26.36
C ALA A 468 -1.41 -21.62 -27.28
N ILE A 469 -1.05 -21.48 -28.56
CA ILE A 469 -1.23 -22.57 -29.50
C ILE A 469 -0.36 -23.76 -29.11
N THR A 470 0.81 -23.53 -28.52
CA THR A 470 1.65 -24.63 -28.08
C THR A 470 1.15 -25.28 -26.79
N LYS A 471 0.29 -24.59 -26.03
CA LYS A 471 -0.26 -25.16 -24.81
C LYS A 471 -1.55 -25.95 -25.06
N VAL A 472 -2.04 -25.95 -26.29
CA VAL A 472 -3.28 -26.66 -26.62
C VAL A 472 -3.03 -28.16 -26.53
N ALA A 473 -3.75 -28.82 -25.63
CA ALA A 473 -3.66 -30.27 -25.38
C ALA A 473 -2.24 -30.72 -25.03
N MET B 9 31.86 -36.72 -4.32
CA MET B 9 31.97 -36.89 -2.87
C MET B 9 31.15 -35.84 -2.10
N THR B 10 31.50 -34.58 -2.25
CA THR B 10 30.87 -33.51 -1.49
C THR B 10 29.49 -33.17 -2.05
N CYS B 11 28.53 -32.98 -1.15
CA CYS B 11 27.17 -32.63 -1.53
C CYS B 11 27.13 -31.27 -2.22
N ARG B 12 26.48 -31.18 -3.37
CA ARG B 12 26.38 -29.94 -4.12
C ARG B 12 24.97 -29.81 -4.67
N THR B 13 24.31 -28.73 -4.30
CA THR B 13 22.94 -28.44 -4.67
C THR B 13 22.91 -27.10 -5.39
N ARG B 14 21.77 -26.81 -6.00
CA ARG B 14 21.70 -25.53 -6.69
C ARG B 14 20.25 -25.10 -6.85
N PHE B 15 20.07 -23.79 -6.84
CA PHE B 15 18.81 -23.15 -7.15
C PHE B 15 19.02 -22.54 -8.54
N ALA B 16 18.17 -22.90 -9.49
CA ALA B 16 18.35 -22.50 -10.88
C ALA B 16 17.06 -21.90 -11.40
N PRO B 17 16.66 -20.74 -10.91
CA PRO B 17 15.39 -20.17 -11.34
C PRO B 17 15.51 -19.54 -12.72
N SER B 18 14.39 -19.57 -13.43
CA SER B 18 14.17 -18.69 -14.57
C SER B 18 13.40 -17.46 -14.09
N PRO B 19 13.92 -16.25 -14.30
CA PRO B 19 13.28 -15.06 -13.68
C PRO B 19 11.90 -14.81 -14.26
N THR B 20 10.90 -14.78 -13.39
CA THR B 20 9.53 -14.47 -13.77
C THR B 20 9.17 -13.03 -13.45
N GLY B 21 10.00 -12.33 -12.69
CA GLY B 21 9.68 -10.99 -12.27
C GLY B 21 9.85 -10.82 -10.77
N TYR B 22 9.58 -11.89 -10.00
CA TYR B 22 9.72 -11.86 -8.55
C TYR B 22 10.07 -13.27 -8.06
N LEU B 23 10.53 -13.36 -6.81
CA LEU B 23 10.78 -14.67 -6.19
C LEU B 23 9.50 -15.16 -5.54
N HIS B 24 8.92 -16.21 -6.12
CA HIS B 24 7.76 -16.90 -5.57
C HIS B 24 8.15 -17.64 -4.30
N ILE B 25 7.24 -17.72 -3.31
CA ILE B 25 7.62 -18.43 -2.09
C ILE B 25 7.81 -19.91 -2.34
N GLY B 26 7.25 -20.45 -3.41
CA GLY B 26 7.57 -21.82 -3.79
C GLY B 26 9.02 -21.95 -4.22
N GLY B 27 9.52 -20.95 -4.96
CA GLY B 27 10.94 -20.92 -5.28
C GLY B 27 11.80 -20.67 -4.04
N ALA B 28 11.38 -19.76 -3.16
CA ALA B 28 12.15 -19.54 -1.94
C ALA B 28 12.25 -20.82 -1.13
N ARG B 29 11.16 -21.57 -1.03
CA ARG B 29 11.21 -22.82 -0.28
C ARG B 29 12.10 -23.84 -0.97
N THR B 30 12.10 -23.86 -2.31
CA THR B 30 13.02 -24.73 -3.04
C THR B 30 14.47 -24.35 -2.78
N ALA B 31 14.78 -23.06 -2.90
CA ALA B 31 16.12 -22.60 -2.54
C ALA B 31 16.47 -22.98 -1.10
N LEU B 32 15.52 -22.82 -0.17
CA LEU B 32 15.79 -23.14 1.24
C LEU B 32 16.17 -24.61 1.41
N TYR B 33 15.38 -25.53 0.84
CA TYR B 33 15.70 -26.94 0.96
C TYR B 33 17.06 -27.26 0.32
N CYS B 34 17.35 -26.68 -0.84
CA CYS B 34 18.67 -26.85 -1.44
C CYS B 34 19.75 -26.31 -0.53
N TRP B 35 19.52 -25.11 0.03
CA TRP B 35 20.48 -24.51 0.94
C TRP B 35 20.68 -25.37 2.18
N LEU B 36 19.58 -25.85 2.77
CA LEU B 36 19.68 -26.64 4.00
C LEU B 36 20.37 -27.96 3.75
N GLU B 37 20.05 -28.62 2.62
CA GLU B 37 20.69 -29.89 2.31
C GLU B 37 22.20 -29.71 2.17
N ALA B 38 22.62 -28.68 1.45
CA ALA B 38 24.05 -28.38 1.33
C ALA B 38 24.68 -28.05 2.69
N ARG B 39 24.01 -27.21 3.49
CA ARG B 39 24.57 -26.84 4.79
C ARG B 39 24.62 -28.02 5.75
N HIS B 40 23.54 -28.82 5.82
CA HIS B 40 23.58 -29.99 6.70
C HIS B 40 24.73 -30.92 6.33
N ARG B 41 25.05 -31.03 5.04
CA ARG B 41 26.07 -31.98 4.64
C ARG B 41 27.42 -31.35 4.36
N GLY B 42 27.62 -30.10 4.79
CA GLY B 42 28.92 -29.46 4.64
C GLY B 42 29.35 -29.22 3.21
N GLY B 43 28.41 -29.19 2.26
CA GLY B 43 28.70 -29.01 0.85
C GLY B 43 28.46 -27.59 0.38
N GLU B 44 28.23 -27.45 -0.92
CA GLU B 44 28.08 -26.15 -1.53
C GLU B 44 26.70 -26.00 -2.15
N PHE B 45 26.17 -24.78 -2.04
CA PHE B 45 24.91 -24.39 -2.65
C PHE B 45 25.21 -23.35 -3.71
N VAL B 46 24.78 -23.63 -4.95
CA VAL B 46 25.12 -22.80 -6.11
C VAL B 46 23.85 -22.08 -6.54
N LEU B 47 24.00 -20.81 -6.90
CA LEU B 47 22.91 -20.04 -7.50
C LEU B 47 23.15 -19.94 -9.01
N ARG B 48 22.21 -20.44 -9.79
CA ARG B 48 22.28 -20.34 -11.25
C ARG B 48 21.11 -19.51 -11.72
N ILE B 49 21.36 -18.55 -12.60
CA ILE B 49 20.30 -17.74 -13.19
C ILE B 49 20.14 -18.15 -14.66
N GLU B 50 18.97 -18.68 -14.99
CA GLU B 50 18.62 -19.02 -16.37
C GLU B 50 18.18 -17.74 -17.05
N ASP B 51 19.12 -17.03 -17.68
CA ASP B 51 18.83 -15.71 -18.24
C ASP B 51 18.80 -15.70 -19.78
N THR B 52 18.39 -16.79 -20.40
CA THR B 52 18.38 -16.79 -21.86
C THR B 52 17.07 -16.35 -22.48
N ASP B 53 16.02 -16.12 -21.68
CA ASP B 53 14.77 -15.55 -22.18
C ASP B 53 14.90 -14.04 -22.04
N ARG B 54 15.16 -13.36 -23.15
CA ARG B 54 15.44 -11.93 -23.08
C ARG B 54 14.27 -11.17 -22.48
N GLU B 55 13.04 -11.58 -22.82
CA GLU B 55 11.86 -10.86 -22.34
C GLU B 55 11.68 -10.99 -20.83
N ARG B 56 11.92 -12.19 -20.29
CA ARG B 56 11.74 -12.48 -18.87
CA ARG B 56 11.71 -12.38 -18.86
C ARG B 56 12.97 -12.12 -18.04
N SER B 57 14.16 -12.22 -18.63
CA SER B 57 15.43 -12.04 -17.92
C SER B 57 15.88 -10.61 -17.87
N THR B 58 14.93 -9.68 -17.73
CA THR B 58 15.28 -8.29 -17.50
C THR B 58 16.14 -8.18 -16.25
N GLN B 59 16.93 -7.10 -16.20
CA GLN B 59 17.76 -6.89 -15.02
C GLN B 59 16.91 -6.75 -13.75
N GLY B 60 15.78 -6.02 -13.84
CA GLY B 60 14.89 -5.93 -12.69
C GLY B 60 14.40 -7.27 -12.19
N ALA B 61 14.11 -8.20 -13.12
CA ALA B 61 13.65 -9.52 -12.70
C ALA B 61 14.76 -10.31 -12.03
N ILE B 62 16.00 -10.16 -12.52
CA ILE B 62 17.13 -10.81 -11.89
C ILE B 62 17.43 -10.19 -10.53
N ASP B 63 17.42 -8.85 -10.45
CA ASP B 63 17.60 -8.18 -9.17
C ASP B 63 16.60 -8.65 -8.13
N ALA B 64 15.36 -8.92 -8.55
CA ALA B 64 14.33 -9.33 -7.59
C ALA B 64 14.69 -10.66 -6.96
N ILE B 65 15.22 -11.60 -7.75
CA ILE B 65 15.67 -12.87 -7.18
C ILE B 65 16.81 -12.63 -6.20
N LEU B 66 17.81 -11.86 -6.62
CA LEU B 66 18.98 -11.66 -5.77
C LEU B 66 18.62 -10.93 -4.48
N GLU B 67 17.76 -9.92 -4.59
CA GLU B 67 17.35 -9.17 -3.41
C GLU B 67 16.56 -10.05 -2.45
N ALA B 68 15.61 -10.84 -2.98
CA ALA B 68 14.80 -11.69 -2.13
C ALA B 68 15.63 -12.77 -1.46
N MET B 69 16.60 -13.34 -2.16
CA MET B 69 17.44 -14.34 -1.50
C MET B 69 18.30 -13.72 -0.41
N GLU B 70 18.85 -12.54 -0.66
CA GLU B 70 19.59 -11.86 0.40
C GLU B 70 18.69 -11.58 1.59
N TRP B 71 17.44 -11.17 1.35
CA TRP B 71 16.54 -10.82 2.45
C TRP B 71 16.28 -12.06 3.30
N LEU B 72 16.15 -13.21 2.66
CA LEU B 72 15.97 -14.47 3.37
C LEU B 72 17.28 -15.00 3.96
N GLY B 73 18.41 -14.34 3.73
CA GLY B 73 19.66 -14.90 4.21
C GLY B 73 20.08 -16.20 3.54
N LEU B 74 19.65 -16.43 2.30
CA LEU B 74 20.05 -17.65 1.60
C LEU B 74 21.28 -17.33 0.76
N ASP B 75 22.43 -17.33 1.42
CA ASP B 75 23.69 -17.07 0.73
C ASP B 75 24.10 -18.30 -0.08
N TYR B 76 25.02 -18.08 -1.01
CA TYR B 76 25.40 -19.17 -1.90
C TYR B 76 26.91 -19.23 -1.99
N ASP B 77 27.42 -20.44 -2.09
CA ASP B 77 28.87 -20.62 -2.14
C ASP B 77 29.43 -20.26 -3.50
N GLU B 78 28.64 -20.43 -4.54
CA GLU B 78 29.06 -20.16 -5.90
C GLU B 78 27.92 -19.45 -6.62
N GLY B 79 28.28 -18.47 -7.44
CA GLY B 79 27.30 -17.79 -8.25
C GLY B 79 27.17 -16.33 -7.87
N PRO B 80 26.17 -15.64 -8.44
CA PRO B 80 25.25 -16.16 -9.46
C PRO B 80 25.95 -16.50 -10.77
N ILE B 81 25.72 -17.70 -11.28
CA ILE B 81 26.25 -18.12 -12.57
C ILE B 81 25.18 -17.88 -13.61
N TYR B 82 25.51 -17.14 -14.66
CA TYR B 82 24.54 -16.79 -15.69
C TYR B 82 24.69 -17.74 -16.87
N GLN B 83 23.57 -18.33 -17.26
CA GLN B 83 23.53 -19.17 -18.45
C GLN B 83 24.17 -18.49 -19.65
N THR B 84 23.93 -17.18 -19.82
CA THR B 84 24.49 -16.50 -20.99
C THR B 84 26.00 -16.34 -20.90
N ASP B 85 26.61 -16.60 -19.74
CA ASP B 85 28.05 -16.64 -19.64
C ASP B 85 28.63 -17.91 -20.27
N ARG B 86 27.81 -18.92 -20.54
CA ARG B 86 28.29 -20.26 -20.88
C ARG B 86 27.85 -20.73 -22.27
N VAL B 87 27.58 -19.79 -23.19
CA VAL B 87 27.04 -20.11 -24.51
C VAL B 87 27.96 -21.07 -25.28
N ALA B 88 29.27 -20.78 -25.32
CA ALA B 88 30.17 -21.62 -26.09
C ALA B 88 30.21 -23.04 -25.54
N ARG B 89 30.02 -23.21 -24.23
CA ARG B 89 30.05 -24.53 -23.64
C ARG B 89 28.83 -25.36 -24.06
N TYR B 90 27.65 -24.75 -24.04
CA TYR B 90 26.46 -25.45 -24.53
C TYR B 90 26.64 -25.84 -26.00
N LEU B 91 27.17 -24.93 -26.81
CA LEU B 91 27.27 -25.22 -28.23
C LEU B 91 28.33 -26.29 -28.49
N GLU B 92 29.41 -26.26 -27.69
CA GLU B 92 30.41 -27.30 -27.75
C GLU B 92 29.80 -28.67 -27.51
N VAL B 93 29.04 -28.80 -26.43
CA VAL B 93 28.44 -30.09 -26.09
C VAL B 93 27.42 -30.50 -27.14
N ALA B 94 26.58 -29.56 -27.57
CA ALA B 94 25.54 -29.88 -28.55
C ALA B 94 26.14 -30.41 -29.84
N GLU B 95 27.16 -29.72 -30.36
CA GLU B 95 27.73 -30.13 -31.63
C GLU B 95 28.51 -31.43 -31.48
N GLN B 96 29.08 -31.68 -30.30
CA GLN B 96 29.69 -32.98 -30.02
C GLN B 96 28.65 -34.09 -30.09
N LEU B 97 27.46 -33.85 -29.56
CA LEU B 97 26.40 -34.86 -29.65
C LEU B 97 26.04 -35.17 -31.11
N VAL B 98 25.96 -34.13 -31.95
CA VAL B 98 25.71 -34.37 -33.39
C VAL B 98 26.83 -35.21 -33.99
N ALA B 99 28.08 -34.84 -33.71
CA ALA B 99 29.21 -35.59 -34.26
C ALA B 99 29.16 -37.05 -33.82
N ASP B 100 28.71 -37.33 -32.61
CA ASP B 100 28.60 -38.70 -32.12
C ASP B 100 27.31 -39.39 -32.54
N GLY B 101 26.50 -38.76 -33.38
CA GLY B 101 25.28 -39.40 -33.83
C GLY B 101 24.17 -39.47 -32.81
N LYS B 102 24.25 -38.70 -31.72
CA LYS B 102 23.20 -38.70 -30.71
C LYS B 102 22.34 -37.45 -30.74
N ALA B 103 22.62 -36.53 -31.66
CA ALA B 103 21.80 -35.35 -31.89
C ALA B 103 21.81 -35.06 -33.39
N TYR B 104 20.89 -34.22 -33.84
CA TYR B 104 20.80 -33.95 -35.28
C TYR B 104 20.18 -32.60 -35.54
N TYR B 105 20.41 -32.08 -36.76
CA TYR B 105 19.81 -30.82 -37.18
C TYR B 105 18.42 -31.07 -37.76
N ALA B 106 17.51 -30.13 -37.50
CA ALA B 106 16.19 -30.17 -38.09
C ALA B 106 15.80 -28.75 -38.47
N TYR B 107 14.90 -28.62 -39.45
CA TYR B 107 14.63 -27.31 -40.04
C TYR B 107 13.15 -27.04 -40.28
N GLU B 108 12.24 -27.72 -39.59
CA GLU B 108 10.83 -27.47 -39.84
C GLU B 108 10.44 -26.08 -39.33
N THR B 109 9.64 -25.38 -40.14
CA THR B 109 9.07 -24.12 -39.70
C THR B 109 8.10 -24.34 -38.55
N ARG B 110 7.84 -23.25 -37.81
CA ARG B 110 6.78 -23.21 -36.81
C ARG B 110 5.47 -23.73 -37.38
N GLU B 111 5.09 -23.28 -38.58
CA GLU B 111 3.84 -23.74 -39.18
C GLU B 111 3.83 -25.25 -39.37
N GLU B 112 4.97 -25.84 -39.69
CA GLU B 112 5.02 -27.28 -39.89
C GLU B 112 4.93 -28.02 -38.56
N LEU B 113 5.61 -27.52 -37.53
CA LEU B 113 5.47 -28.15 -36.23
C LEU B 113 4.03 -28.05 -35.73
N ASP B 114 3.39 -26.88 -35.89
CA ASP B 114 1.98 -26.74 -35.56
C ASP B 114 1.12 -27.76 -36.30
N ALA B 115 1.27 -27.82 -37.62
CA ALA B 115 0.49 -28.80 -38.38
C ALA B 115 0.77 -30.22 -37.88
N MET B 116 2.02 -30.50 -37.57
CA MET B 116 2.39 -31.78 -36.99
C MET B 116 1.61 -32.05 -35.71
N ARG B 117 1.46 -31.04 -34.85
CA ARG B 117 0.71 -31.22 -33.62
C ARG B 117 -0.78 -31.39 -33.88
N GLU B 118 -1.32 -30.77 -34.93
CA GLU B 118 -2.74 -30.90 -35.21
C GLU B 118 -3.10 -32.26 -35.77
N ALA B 119 -2.16 -32.93 -36.46
CA ALA B 119 -2.42 -34.30 -36.89
C ALA B 119 -2.35 -35.27 -35.73
N ALA B 120 -1.47 -35.03 -34.76
CA ALA B 120 -1.50 -35.82 -33.54
C ALA B 120 -2.86 -35.75 -32.89
N MET B 121 -3.39 -34.54 -32.71
CA MET B 121 -4.68 -34.37 -32.05
C MET B 121 -5.80 -35.03 -32.83
N ALA B 122 -5.81 -34.87 -34.16
CA ALA B 122 -6.82 -35.53 -34.97
C ALA B 122 -6.78 -37.04 -34.82
N ARG B 123 -5.59 -37.60 -34.59
CA ARG B 123 -5.44 -39.02 -34.31
C ARG B 123 -5.62 -39.36 -32.83
N GLN B 124 -6.04 -38.38 -32.02
CA GLN B 124 -6.28 -38.57 -30.58
C GLN B 124 -5.00 -38.95 -29.83
N GLU B 125 -3.85 -38.55 -30.36
CA GLU B 125 -2.56 -38.87 -29.76
C GLU B 125 -1.92 -37.60 -29.19
N LYS B 126 -0.91 -37.79 -28.36
CA LYS B 126 -0.24 -36.66 -27.72
C LYS B 126 0.56 -35.88 -28.75
N PRO B 127 0.39 -34.56 -28.83
CA PRO B 127 1.22 -33.77 -29.75
C PRO B 127 2.70 -33.85 -29.34
N ARG B 128 3.55 -34.15 -30.31
CA ARG B 128 4.98 -34.28 -30.10
C ARG B 128 5.66 -34.13 -31.45
N TYR B 129 7.00 -34.06 -31.44
CA TYR B 129 7.73 -34.07 -32.70
C TYR B 129 7.84 -35.51 -33.17
N ASN B 130 7.51 -35.73 -34.44
CA ASN B 130 7.45 -37.10 -34.94
C ASN B 130 8.81 -37.67 -35.29
N GLY B 131 9.90 -36.99 -34.94
CA GLY B 131 11.23 -37.48 -35.31
C GLY B 131 11.52 -37.52 -36.79
N ALA B 132 10.93 -36.61 -37.57
CA ALA B 132 11.02 -36.69 -39.04
C ALA B 132 12.48 -36.69 -39.51
N ALA B 133 13.31 -35.79 -38.97
CA ALA B 133 14.68 -35.63 -39.43
C ALA B 133 15.72 -36.49 -38.67
N ARG B 134 15.27 -37.40 -37.80
CA ARG B 134 16.19 -38.05 -36.85
C ARG B 134 17.27 -38.86 -37.57
N ASP B 135 16.92 -39.54 -38.65
CA ASP B 135 17.89 -40.37 -39.35
C ASP B 135 18.33 -39.77 -40.69
N LEU B 136 18.05 -38.49 -40.92
CA LEU B 136 18.30 -37.92 -42.24
C LEU B 136 19.70 -37.30 -42.39
N GLY B 137 20.43 -37.14 -41.29
CA GLY B 137 21.77 -36.57 -41.34
C GLY B 137 21.87 -35.23 -42.04
N LEU B 138 20.82 -34.41 -41.95
CA LEU B 138 20.87 -33.08 -42.53
C LEU B 138 22.01 -32.30 -41.90
N PRO B 139 22.85 -31.64 -42.67
CA PRO B 139 24.01 -30.96 -42.10
C PRO B 139 23.63 -29.58 -41.57
N ARG B 140 24.62 -28.95 -40.94
CA ARG B 140 24.43 -27.60 -40.44
C ARG B 140 24.41 -26.62 -41.62
N ARG B 141 23.47 -25.68 -41.59
CA ARG B 141 23.40 -24.63 -42.59
C ARG B 141 22.60 -23.46 -42.05
N ASP B 142 22.86 -22.28 -42.60
CA ASP B 142 22.10 -21.08 -42.24
C ASP B 142 20.62 -21.25 -42.55
N ASP B 143 19.78 -21.05 -41.55
CA ASP B 143 18.35 -21.21 -41.79
C ASP B 143 17.60 -20.69 -40.55
N PRO B 144 16.51 -19.95 -40.74
CA PRO B 144 15.83 -19.33 -39.59
C PRO B 144 15.26 -20.34 -38.59
N ASN B 145 15.18 -21.61 -38.96
CA ASN B 145 14.57 -22.63 -38.11
C ASN B 145 15.54 -23.76 -37.78
N ARG B 146 16.84 -23.52 -37.92
CA ARG B 146 17.83 -24.53 -37.54
C ARG B 146 17.74 -24.80 -36.06
N VAL B 147 17.49 -26.05 -35.70
CA VAL B 147 17.57 -26.50 -34.32
C VAL B 147 18.43 -27.75 -34.30
N ILE B 148 18.97 -28.06 -33.12
CA ILE B 148 19.56 -29.36 -32.83
C ILE B 148 18.60 -30.06 -31.89
N ARG B 149 18.26 -31.30 -32.24
CA ARG B 149 17.37 -32.13 -31.44
C ARG B 149 18.15 -33.32 -30.91
N PHE B 150 17.75 -33.77 -29.72
CA PHE B 150 18.41 -34.92 -29.12
C PHE B 150 17.70 -36.20 -29.53
N LYS B 151 18.48 -37.24 -29.83
CA LYS B 151 17.92 -38.55 -30.18
C LYS B 151 17.53 -39.28 -28.90
N ASN B 152 16.31 -39.05 -28.44
CA ASN B 152 15.79 -39.79 -27.30
C ASN B 152 15.61 -41.26 -27.68
N PRO B 153 15.92 -42.20 -26.78
CA PRO B 153 15.63 -43.60 -27.06
C PRO B 153 14.16 -43.81 -27.42
N LEU B 154 13.92 -44.74 -28.34
CA LEU B 154 12.58 -44.95 -28.88
C LEU B 154 11.75 -45.89 -28.00
N GLU B 155 12.38 -46.94 -27.47
CA GLU B 155 11.71 -47.97 -26.71
C GLU B 155 12.14 -47.94 -25.25
N GLY B 156 11.45 -48.73 -24.44
CA GLY B 156 11.78 -48.89 -23.04
C GLY B 156 11.30 -47.72 -22.20
N THR B 157 11.59 -47.81 -20.91
CA THR B 157 11.17 -46.82 -19.95
C THR B 157 12.38 -46.24 -19.23
N VAL B 158 12.17 -45.05 -18.67
CA VAL B 158 13.13 -44.41 -17.78
C VAL B 158 12.63 -44.59 -16.37
N VAL B 159 13.48 -45.09 -15.49
CA VAL B 159 13.16 -45.33 -14.09
C VAL B 159 14.14 -44.52 -13.25
N PHE B 160 13.61 -43.74 -12.32
CA PHE B 160 14.46 -43.13 -11.31
C PHE B 160 13.75 -43.17 -9.95
N ASP B 161 14.55 -43.22 -8.90
CA ASP B 161 14.05 -43.23 -7.53
CA ASP B 161 14.05 -43.24 -7.53
C ASP B 161 14.13 -41.80 -7.02
N ASP B 162 12.99 -41.10 -7.06
CA ASP B 162 12.97 -39.72 -6.59
C ASP B 162 13.18 -39.66 -5.08
N LEU B 163 14.09 -38.79 -4.65
CA LEU B 163 14.36 -38.66 -3.21
C LEU B 163 13.10 -38.39 -2.40
N ILE B 164 12.11 -37.73 -2.97
CA ILE B 164 10.86 -37.43 -2.28
C ILE B 164 9.72 -38.32 -2.75
N LYS B 165 9.56 -38.48 -4.07
CA LYS B 165 8.36 -39.11 -4.62
C LYS B 165 8.46 -40.63 -4.70
N GLY B 166 9.63 -41.21 -4.49
CA GLY B 166 9.76 -42.64 -4.68
C GLY B 166 10.03 -42.98 -6.13
N ARG B 167 9.72 -44.22 -6.47
CA ARG B 167 10.04 -44.74 -7.79
CA ARG B 167 10.04 -44.75 -7.79
C ARG B 167 9.13 -44.13 -8.85
N ILE B 168 9.73 -43.48 -9.84
CA ILE B 168 9.04 -42.87 -10.96
C ILE B 168 9.46 -43.60 -12.23
N GLU B 169 8.48 -44.02 -13.03
CA GLU B 169 8.73 -44.70 -14.29
C GLU B 169 7.88 -44.07 -15.39
N ILE B 170 8.52 -43.62 -16.47
CA ILE B 170 7.84 -42.94 -17.56
C ILE B 170 8.30 -43.57 -18.87
N ALA B 171 7.33 -43.84 -19.76
CA ALA B 171 7.63 -44.46 -21.04
C ALA B 171 8.35 -43.50 -21.98
N ASN B 172 9.34 -44.03 -22.71
CA ASN B 172 10.01 -43.23 -23.73
C ASN B 172 9.08 -42.83 -24.86
N SER B 173 8.12 -43.71 -25.21
CA SER B 173 7.16 -43.37 -26.25
C SER B 173 6.38 -42.10 -25.93
N GLU B 174 6.37 -41.67 -24.67
CA GLU B 174 5.74 -40.42 -24.30
C GLU B 174 6.69 -39.23 -24.42
N LEU B 175 7.98 -39.47 -24.62
CA LEU B 175 8.94 -38.40 -24.85
C LEU B 175 9.11 -38.20 -26.35
N ASP B 176 9.98 -37.28 -26.74
CA ASP B 176 10.27 -37.07 -28.14
C ASP B 176 11.70 -36.58 -28.27
N ASP B 177 12.12 -36.28 -29.50
CA ASP B 177 13.46 -35.80 -29.76
C ASP B 177 13.51 -34.30 -29.48
N MET B 178 13.65 -33.96 -28.21
CA MET B 178 13.52 -32.57 -27.80
C MET B 178 14.56 -31.68 -28.48
N VAL B 179 14.16 -30.45 -28.79
CA VAL B 179 15.12 -29.41 -29.12
C VAL B 179 16.07 -29.20 -27.95
N ILE B 180 17.36 -29.19 -28.24
CA ILE B 180 18.36 -28.85 -27.24
C ILE B 180 19.08 -27.56 -27.60
N PHE B 181 19.02 -27.11 -28.84
CA PHE B 181 19.65 -25.86 -29.24
C PHE B 181 18.75 -25.16 -30.26
N ARG B 182 18.53 -23.86 -30.04
CA ARG B 182 17.55 -23.07 -30.77
C ARG B 182 18.20 -22.26 -31.88
N PRO B 183 17.39 -21.74 -32.83
CA PRO B 183 17.94 -20.88 -33.89
C PRO B 183 18.59 -19.61 -33.37
N ASP B 184 18.16 -19.11 -32.22
CA ASP B 184 18.73 -17.87 -31.71
C ASP B 184 20.08 -18.06 -31.05
N GLY B 185 20.66 -19.26 -31.16
CA GLY B 185 21.97 -19.51 -30.61
C GLY B 185 22.00 -19.87 -29.14
N TYR B 186 20.85 -20.07 -28.52
CA TYR B 186 20.86 -20.43 -27.10
C TYR B 186 20.39 -21.87 -26.90
N PRO B 187 20.79 -22.51 -25.80
CA PRO B 187 20.24 -23.82 -25.47
C PRO B 187 18.81 -23.72 -24.98
N THR B 188 18.14 -24.87 -24.98
CA THR B 188 16.86 -25.00 -24.30
C THR B 188 17.10 -25.39 -22.84
N TYR B 189 16.04 -25.23 -22.02
CA TYR B 189 16.15 -25.50 -20.58
C TYR B 189 16.65 -26.91 -20.32
N ASN B 190 16.00 -27.92 -20.92
CA ASN B 190 16.39 -29.30 -20.65
C ASN B 190 17.84 -29.58 -21.03
N PHE B 191 18.35 -28.91 -22.06
CA PHE B 191 19.75 -29.11 -22.42
C PHE B 191 20.68 -28.39 -21.45
N ALA B 192 20.43 -27.09 -21.24
CA ALA B 192 21.33 -26.30 -20.43
C ALA B 192 21.40 -26.81 -18.99
N VAL B 193 20.27 -27.29 -18.45
CA VAL B 193 20.29 -27.69 -17.05
C VAL B 193 21.13 -28.93 -16.85
N VAL B 194 21.15 -29.83 -17.85
CA VAL B 194 21.96 -31.02 -17.76
C VAL B 194 23.43 -30.67 -17.92
N VAL B 195 23.76 -29.86 -18.93
CA VAL B 195 25.15 -29.48 -19.13
C VAL B 195 25.69 -28.77 -17.90
N ASP B 196 24.89 -27.88 -17.31
CA ASP B 196 25.36 -27.13 -16.15
C ASP B 196 25.43 -28.00 -14.89
N ASP B 197 24.42 -28.84 -14.65
CA ASP B 197 24.46 -29.73 -13.49
C ASP B 197 25.62 -30.71 -13.60
N TRP B 198 25.91 -31.19 -14.82
CA TRP B 198 27.09 -32.02 -15.05
C TRP B 198 28.36 -31.24 -14.74
N ASP B 199 28.57 -30.12 -15.44
CA ASP B 199 29.80 -29.34 -15.28
C ASP B 199 29.99 -28.89 -13.83
N MET B 200 28.92 -28.59 -13.12
CA MET B 200 29.05 -28.10 -11.74
C MET B 200 29.05 -29.22 -10.71
N GLY B 201 29.06 -30.47 -11.15
CA GLY B 201 29.12 -31.58 -10.20
C GLY B 201 27.99 -31.59 -9.20
N ILE B 202 26.78 -31.22 -9.64
CA ILE B 202 25.62 -31.27 -8.76
C ILE B 202 25.32 -32.73 -8.42
N THR B 203 25.19 -33.02 -7.13
CA THR B 203 24.88 -34.38 -6.69
C THR B 203 23.40 -34.60 -6.43
N GLU B 204 22.67 -33.55 -6.07
CA GLU B 204 21.24 -33.68 -5.78
C GLU B 204 20.50 -32.52 -6.42
N VAL B 205 19.60 -32.85 -7.34
CA VAL B 205 18.76 -31.87 -8.02
C VAL B 205 17.44 -31.87 -7.27
N ILE B 206 17.14 -30.76 -6.60
CA ILE B 206 15.98 -30.64 -5.73
C ILE B 206 15.18 -29.44 -6.24
N ARG B 207 13.94 -29.68 -6.64
CA ARG B 207 13.16 -28.69 -7.37
C ARG B 207 11.69 -29.07 -7.25
N GLY B 208 10.81 -28.18 -7.74
CA GLY B 208 9.39 -28.42 -7.65
C GLY B 208 8.93 -29.46 -8.66
N ASP B 209 7.84 -30.16 -8.32
CA ASP B 209 7.42 -31.29 -9.14
C ASP B 209 6.66 -30.89 -10.39
N ASP B 210 6.54 -29.60 -10.68
CA ASP B 210 6.11 -29.24 -12.01
C ASP B 210 7.21 -29.47 -13.03
N HIS B 211 8.42 -29.83 -12.57
CA HIS B 211 9.54 -30.21 -13.42
C HIS B 211 9.72 -31.72 -13.53
N ILE B 212 8.80 -32.51 -12.99
CA ILE B 212 9.06 -33.94 -12.88
C ILE B 212 9.01 -34.63 -14.25
N ASN B 213 8.12 -34.19 -15.14
CA ASN B 213 8.06 -34.82 -16.46
C ASN B 213 9.30 -34.54 -17.30
N ASN B 214 10.04 -33.49 -16.98
CA ASN B 214 11.29 -33.22 -17.68
C ASN B 214 12.43 -34.09 -17.19
N THR B 215 12.32 -34.69 -16.00
CA THR B 215 13.42 -35.50 -15.46
C THR B 215 13.83 -36.64 -16.40
N PRO B 216 12.93 -37.52 -16.88
CA PRO B 216 13.43 -38.61 -17.73
C PRO B 216 14.05 -38.11 -19.02
N ARG B 217 13.62 -36.95 -19.53
CA ARG B 217 14.29 -36.36 -20.69
C ARG B 217 15.71 -35.95 -20.34
N GLN B 218 15.89 -35.37 -19.15
CA GLN B 218 17.22 -34.99 -18.71
C GLN B 218 18.08 -36.23 -18.49
N ILE B 219 17.50 -37.27 -17.90
CA ILE B 219 18.27 -38.48 -17.61
C ILE B 219 18.78 -39.12 -18.91
N ASN B 220 17.92 -39.22 -19.93
CA ASN B 220 18.39 -39.77 -21.20
C ASN B 220 19.50 -38.90 -21.79
N LEU B 221 19.45 -37.59 -21.55
CA LEU B 221 20.50 -36.69 -22.02
C LEU B 221 21.82 -36.95 -21.30
N TYR B 222 21.79 -37.10 -19.98
CA TYR B 222 22.99 -37.49 -19.24
C TYR B 222 23.63 -38.73 -19.86
N GLU B 223 22.82 -39.74 -20.15
CA GLU B 223 23.37 -41.00 -20.63
C GLU B 223 23.89 -40.89 -22.05
N GLY B 224 23.28 -40.04 -22.88
CA GLY B 224 23.84 -39.82 -24.20
C GLY B 224 25.13 -39.04 -24.17
N ILE B 225 25.24 -38.08 -23.24
CA ILE B 225 26.47 -37.34 -23.03
C ILE B 225 27.55 -38.23 -22.43
N GLY B 226 27.15 -39.25 -21.67
CA GLY B 226 28.12 -40.04 -20.93
C GLY B 226 28.46 -39.50 -19.56
N ALA B 227 27.62 -38.64 -18.99
CA ALA B 227 27.80 -38.00 -17.70
C ALA B 227 27.06 -38.77 -16.62
N PRO B 228 27.57 -38.84 -15.39
CA PRO B 228 26.82 -39.54 -14.33
C PRO B 228 25.56 -38.77 -13.94
N VAL B 229 24.53 -39.53 -13.59
CA VAL B 229 23.20 -39.00 -13.31
C VAL B 229 23.11 -38.67 -11.83
N PRO B 230 22.76 -37.44 -11.46
CA PRO B 230 22.62 -37.11 -10.04
C PRO B 230 21.34 -37.69 -9.47
N LYS B 231 21.14 -37.54 -8.15
CA LYS B 231 19.84 -37.84 -7.56
C LYS B 231 18.87 -36.69 -7.82
N PHE B 232 17.58 -37.01 -7.86
CA PHE B 232 16.52 -36.03 -8.03
C PHE B 232 15.54 -36.15 -6.87
N GLY B 233 15.00 -35.00 -6.46
CA GLY B 233 13.90 -34.98 -5.52
C GLY B 233 12.95 -33.85 -5.87
N HIS B 234 11.66 -34.16 -5.97
CA HIS B 234 10.68 -33.19 -6.44
C HIS B 234 9.64 -32.95 -5.36
N MET B 235 9.55 -31.70 -4.88
CA MET B 235 8.49 -31.53 -3.89
C MET B 235 7.21 -31.01 -4.51
N PRO B 236 6.06 -31.31 -3.90
CA PRO B 236 4.80 -30.78 -4.43
C PRO B 236 4.77 -29.26 -4.33
N MET B 237 4.15 -28.64 -5.33
CA MET B 237 4.00 -27.19 -5.30
C MET B 237 3.15 -26.76 -4.12
N ILE B 238 3.43 -25.55 -3.63
CA ILE B 238 2.59 -24.92 -2.61
C ILE B 238 1.23 -24.57 -3.22
N LEU B 239 0.17 -24.88 -2.49
CA LEU B 239 -1.18 -24.56 -2.93
C LEU B 239 -1.69 -23.36 -2.13
N ASP B 240 -2.64 -22.62 -2.72
CA ASP B 240 -3.23 -21.52 -1.98
C ASP B 240 -4.25 -22.06 -0.99
N GLU B 241 -4.93 -21.17 -0.28
CA GLU B 241 -5.86 -21.60 0.76
C GLU B 241 -7.05 -22.38 0.22
N GLN B 242 -7.27 -22.37 -1.10
CA GLN B 242 -8.39 -23.08 -1.69
C GLN B 242 -7.97 -24.33 -2.45
N GLY B 243 -6.70 -24.69 -2.43
CA GLY B 243 -6.24 -25.93 -3.04
C GLY B 243 -5.72 -25.80 -4.46
N ALA B 244 -5.69 -24.59 -5.03
CA ALA B 244 -5.16 -24.39 -6.37
C ALA B 244 -3.69 -23.99 -6.29
N LYS B 245 -3.02 -24.04 -7.44
CA LYS B 245 -1.65 -23.54 -7.52
C LYS B 245 -1.59 -22.11 -7.00
N LEU B 246 -0.53 -21.81 -6.26
CA LEU B 246 -0.38 -20.49 -5.67
C LEU B 246 0.26 -19.55 -6.68
N SER B 247 -0.44 -18.48 -7.01
CA SER B 247 0.05 -17.45 -7.92
C SER B 247 -0.16 -16.11 -7.26
N LYS B 248 0.49 -15.08 -7.80
CA LYS B 248 0.29 -13.75 -7.25
C LYS B 248 -1.15 -13.28 -7.44
N ARG B 249 -1.89 -13.88 -8.38
CA ARG B 249 -3.30 -13.56 -8.54
C ARG B 249 -4.09 -13.92 -7.29
N THR B 250 -3.93 -15.16 -6.82
CA THR B 250 -4.56 -15.56 -5.57
C THR B 250 -3.72 -15.08 -4.38
N GLY B 251 -3.04 -13.94 -4.57
CA GLY B 251 -2.28 -13.24 -3.55
C GLY B 251 -1.19 -14.03 -2.86
N ALA B 252 -0.37 -13.36 -2.05
CA ALA B 252 0.49 -13.99 -1.05
C ALA B 252 1.58 -14.87 -1.66
N ALA B 253 2.04 -14.56 -2.87
CA ALA B 253 3.00 -15.42 -3.54
C ALA B 253 4.40 -14.84 -3.65
N ASP B 254 4.56 -13.53 -3.47
CA ASP B 254 5.85 -12.86 -3.63
C ASP B 254 6.56 -12.75 -2.28
N VAL B 255 7.79 -13.25 -2.21
CA VAL B 255 8.58 -13.11 -0.98
C VAL B 255 8.52 -11.68 -0.46
N MET B 256 8.58 -10.70 -1.36
CA MET B 256 8.60 -9.29 -0.95
C MET B 256 7.29 -8.83 -0.34
N GLN B 257 6.17 -9.48 -0.68
CA GLN B 257 4.92 -9.17 0.01
C GLN B 257 5.01 -9.55 1.49
N TYR B 258 5.72 -10.64 1.80
CA TYR B 258 5.89 -11.03 3.19
C TYR B 258 6.81 -10.06 3.93
N LYS B 259 7.84 -9.56 3.25
CA LYS B 259 8.65 -8.49 3.83
C LYS B 259 7.81 -7.27 4.14
N ASP B 260 7.08 -6.77 3.14
CA ASP B 260 6.27 -5.57 3.33
C ASP B 260 5.15 -5.79 4.34
N ALA B 261 4.60 -7.00 4.43
CA ALA B 261 3.57 -7.25 5.42
C ALA B 261 4.12 -7.36 6.84
N GLY B 262 5.43 -7.44 7.00
CA GLY B 262 6.04 -7.36 8.30
C GLY B 262 6.43 -8.68 8.93
N TYR B 263 6.57 -9.75 8.15
CA TYR B 263 7.02 -11.03 8.65
C TYR B 263 8.54 -11.06 8.75
N LEU B 264 9.04 -11.74 9.79
CA LEU B 264 10.48 -11.92 9.93
C LEU B 264 10.96 -12.99 8.94
N PRO B 265 12.12 -12.79 8.32
CA PRO B 265 12.59 -13.80 7.34
C PRO B 265 12.79 -15.17 7.96
N ASP B 266 13.29 -15.23 9.21
CA ASP B 266 13.51 -16.53 9.82
C ASP B 266 12.19 -17.20 10.20
N ALA B 267 11.15 -16.41 10.46
CA ALA B 267 9.83 -16.98 10.70
C ALA B 267 9.22 -17.50 9.40
N LEU B 268 9.38 -16.74 8.31
CA LEU B 268 8.93 -17.23 7.01
C LEU B 268 9.65 -18.52 6.63
N LEU B 269 10.97 -18.58 6.85
CA LEU B 269 11.70 -19.80 6.53
C LEU B 269 11.29 -20.96 7.43
N SER B 270 11.08 -20.70 8.73
CA SER B 270 10.58 -21.76 9.59
C SER B 270 9.23 -22.28 9.08
N TYR B 271 8.34 -21.37 8.70
CA TYR B 271 7.02 -21.79 8.24
C TYR B 271 7.11 -22.53 6.91
N LEU B 272 7.93 -22.02 5.99
CA LEU B 272 8.04 -22.66 4.68
C LEU B 272 8.69 -24.03 4.80
N ALA B 273 9.67 -24.17 5.68
CA ALA B 273 10.31 -25.47 5.88
C ALA B 273 9.30 -26.49 6.37
N ARG B 274 8.53 -26.13 7.39
CA ARG B 274 7.54 -27.03 7.97
C ARG B 274 6.40 -27.31 7.02
N LEU B 275 6.17 -26.42 6.05
CA LEU B 275 5.13 -26.62 5.05
C LEU B 275 5.38 -27.84 4.19
N GLY B 276 6.65 -28.13 3.87
CA GLY B 276 6.95 -29.25 2.99
C GLY B 276 7.88 -30.28 3.59
N TRP B 277 8.06 -30.23 4.90
CA TRP B 277 9.01 -31.07 5.61
C TRP B 277 8.56 -31.14 7.07
N SER B 278 8.97 -32.20 7.76
CA SER B 278 8.51 -32.40 9.13
C SER B 278 9.61 -33.06 9.94
N HIS B 279 9.46 -32.98 11.26
CA HIS B 279 10.38 -33.64 12.18
C HIS B 279 9.62 -33.89 13.47
N GLY B 280 9.03 -35.08 13.57
CA GLY B 280 8.25 -35.42 14.75
C GLY B 280 7.18 -34.39 15.00
N ASP B 281 7.09 -33.93 16.25
CA ASP B 281 6.08 -32.99 16.68
C ASP B 281 6.47 -31.53 16.48
N GLN B 282 7.71 -31.24 16.11
CA GLN B 282 8.22 -29.88 16.21
C GLN B 282 7.62 -28.98 15.14
N GLU B 283 7.13 -27.81 15.56
CA GLU B 283 6.51 -26.85 14.65
C GLU B 283 7.38 -25.64 14.38
N LEU B 284 8.31 -25.32 15.26
CA LEU B 284 9.07 -24.08 15.21
C LEU B 284 10.54 -24.42 15.09
N PHE B 285 11.22 -23.80 14.13
CA PHE B 285 12.61 -24.14 13.86
C PHE B 285 13.43 -22.87 13.70
N SER B 286 14.45 -22.71 14.54
CA SER B 286 15.52 -21.76 14.23
C SER B 286 16.28 -22.22 12.99
N ARG B 287 17.03 -21.28 12.39
CA ARG B 287 17.85 -21.59 11.22
C ARG B 287 18.91 -22.63 11.55
N GLN B 288 19.52 -22.50 12.72
CA GLN B 288 20.49 -23.48 13.18
C GLN B 288 19.85 -24.87 13.30
N GLU B 289 18.65 -24.94 13.86
CA GLU B 289 17.97 -26.23 13.98
C GLU B 289 17.67 -26.82 12.61
N LEU B 290 17.19 -26.00 11.67
CA LEU B 290 16.93 -26.48 10.32
C LEU B 290 18.20 -27.07 9.71
N ILE B 291 19.33 -26.37 9.84
CA ILE B 291 20.59 -26.93 9.34
C ILE B 291 20.88 -28.27 10.01
N GLU B 292 20.58 -28.38 11.31
CA GLU B 292 20.92 -29.60 12.05
C GLU B 292 19.98 -30.74 11.69
N LEU B 293 18.71 -30.44 11.45
CA LEU B 293 17.69 -31.48 11.32
C LEU B 293 17.34 -31.81 9.88
N PHE B 294 17.59 -30.92 8.93
CA PHE B 294 16.96 -31.10 7.63
C PHE B 294 17.59 -32.24 6.84
N ASP B 295 16.73 -33.05 6.24
CA ASP B 295 17.13 -34.06 5.28
C ASP B 295 16.07 -34.07 4.19
N VAL B 296 16.50 -33.83 2.93
CA VAL B 296 15.54 -33.72 1.82
C VAL B 296 14.68 -34.97 1.73
N LYS B 297 15.19 -36.13 2.15
CA LYS B 297 14.41 -37.35 2.04
C LYS B 297 13.26 -37.41 3.03
N ASP B 298 13.19 -36.48 3.98
CA ASP B 298 12.07 -36.39 4.90
C ASP B 298 11.04 -35.36 4.46
N CYS B 299 11.16 -34.82 3.26
CA CYS B 299 10.16 -33.89 2.75
C CYS B 299 8.84 -34.63 2.47
N ASN B 300 7.74 -33.89 2.54
CA ASN B 300 6.44 -34.47 2.22
C ASN B 300 6.35 -34.73 0.72
N SER B 301 5.67 -35.81 0.36
CA SER B 301 5.37 -36.06 -1.05
C SER B 301 3.98 -35.58 -1.43
N LYS B 302 3.16 -35.22 -0.46
CA LYS B 302 1.82 -34.71 -0.69
C LYS B 302 1.80 -33.19 -0.50
N ALA B 303 1.05 -32.50 -1.35
CA ALA B 303 1.06 -31.04 -1.34
C ALA B 303 0.39 -30.49 -0.08
N SER B 304 0.76 -29.26 0.25
CA SER B 304 0.19 -28.55 1.38
C SER B 304 -0.39 -27.22 0.90
N ARG B 305 -1.25 -26.65 1.72
CA ARG B 305 -1.89 -25.37 1.45
C ARG B 305 -1.28 -24.28 2.31
N LEU B 306 -0.96 -23.15 1.69
CA LEU B 306 -0.57 -21.96 2.44
C LEU B 306 -1.62 -21.63 3.49
N ASP B 307 -1.17 -21.34 4.71
CA ASP B 307 -2.04 -21.02 5.84
C ASP B 307 -1.54 -19.73 6.51
N MET B 308 -2.18 -18.60 6.19
CA MET B 308 -1.73 -17.32 6.74
C MET B 308 -1.90 -17.26 8.25
N ALA B 309 -2.90 -17.94 8.80
CA ALA B 309 -3.04 -17.95 10.26
C ALA B 309 -1.85 -18.61 10.91
N LYS B 310 -1.55 -19.85 10.50
CA LYS B 310 -0.37 -20.55 11.01
C LYS B 310 0.89 -19.69 10.89
N LEU B 311 1.11 -19.08 9.72
CA LEU B 311 2.29 -18.24 9.55
C LEU B 311 2.32 -17.08 10.54
N GLY B 312 1.18 -16.44 10.75
CA GLY B 312 1.13 -15.39 11.77
C GLY B 312 1.51 -15.92 13.14
N TRP B 313 1.06 -17.13 13.47
CA TRP B 313 1.45 -17.74 14.73
C TRP B 313 2.96 -17.92 14.81
N VAL B 314 3.57 -18.47 13.74
CA VAL B 314 5.03 -18.60 13.70
C VAL B 314 5.68 -17.24 13.88
N ASN B 315 5.18 -16.22 13.17
CA ASN B 315 5.75 -14.88 13.29
C ASN B 315 5.69 -14.37 14.73
N GLN B 316 4.57 -14.62 15.41
CA GLN B 316 4.47 -14.18 16.81
C GLN B 316 5.56 -14.82 17.66
N HIS B 317 5.79 -16.12 17.49
CA HIS B 317 6.78 -16.78 18.32
C HIS B 317 8.17 -16.21 18.07
N PHE B 318 8.52 -15.94 16.80
CA PHE B 318 9.83 -15.35 16.54
C PHE B 318 9.90 -13.93 17.09
N LEU B 319 8.85 -13.14 16.95
CA LEU B 319 8.80 -11.83 17.60
C LEU B 319 9.06 -11.94 19.09
N LYS B 320 8.43 -12.92 19.75
CA LYS B 320 8.58 -13.10 21.19
C LYS B 320 9.95 -13.63 21.58
N THR B 321 10.64 -14.38 20.72
CA THR B 321 11.80 -15.16 21.17
C THR B 321 13.14 -14.73 20.59
N GLU B 322 13.16 -14.18 19.38
CA GLU B 322 14.42 -13.78 18.73
C GLU B 322 15.15 -12.72 19.54
N ASP B 323 16.46 -12.64 19.33
CA ASP B 323 17.23 -11.53 19.88
C ASP B 323 16.69 -10.21 19.36
N VAL B 324 16.65 -9.21 20.23
CA VAL B 324 16.09 -7.90 19.88
C VAL B 324 16.85 -7.31 18.71
N ALA B 325 18.18 -7.42 18.73
CA ALA B 325 19.00 -6.88 17.64
C ALA B 325 18.72 -7.56 16.31
N ALA B 326 18.18 -8.79 16.32
CA ALA B 326 17.80 -9.45 15.08
C ALA B 326 16.47 -8.91 14.56
N ILE B 327 15.60 -8.44 15.44
CA ILE B 327 14.32 -7.88 15.01
C ILE B 327 14.47 -6.44 14.55
N VAL B 328 15.39 -5.69 15.15
CA VAL B 328 15.44 -4.24 14.95
C VAL B 328 15.47 -3.84 13.46
N PRO B 329 16.43 -4.34 12.65
CA PRO B 329 16.45 -3.89 11.24
C PRO B 329 15.11 -4.05 10.52
N HIS B 330 14.33 -5.07 10.86
CA HIS B 330 13.05 -5.29 10.22
C HIS B 330 11.97 -4.34 10.75
N LEU B 331 12.01 -3.97 12.03
CA LEU B 331 11.15 -2.88 12.47
C LEU B 331 11.53 -1.58 11.77
N VAL B 332 12.82 -1.29 11.69
CA VAL B 332 13.29 -0.03 11.10
C VAL B 332 12.80 0.12 9.67
N TYR B 333 12.84 -0.97 8.89
CA TYR B 333 12.30 -0.93 7.52
C TYR B 333 10.84 -0.48 7.53
N GLN B 334 10.04 -1.00 8.47
CA GLN B 334 8.63 -0.66 8.51
C GLN B 334 8.40 0.79 8.98
N LEU B 335 9.25 1.27 9.89
CA LEU B 335 9.16 2.67 10.33
C LEU B 335 9.48 3.62 9.19
N GLN B 336 10.57 3.37 8.46
CA GLN B 336 10.94 4.22 7.34
C GLN B 336 9.89 4.17 6.23
N LYS B 337 9.22 3.03 6.07
CA LYS B 337 8.11 2.92 5.13
C LYS B 337 7.03 3.95 5.42
N LEU B 338 6.75 4.19 6.70
CA LEU B 338 5.79 5.20 7.09
C LEU B 338 6.37 6.60 7.11
N GLY B 339 7.47 6.82 6.39
CA GLY B 339 8.14 8.10 6.34
C GLY B 339 8.46 8.70 7.70
N LEU B 340 8.69 7.86 8.70
CA LEU B 340 9.00 8.35 10.03
C LEU B 340 10.47 8.72 10.16
N ASP B 341 10.74 9.73 10.97
CA ASP B 341 12.10 10.12 11.33
C ASP B 341 12.51 9.29 12.53
N VAL B 342 13.12 8.13 12.26
CA VAL B 342 13.48 7.20 13.33
C VAL B 342 14.46 7.85 14.30
N ALA B 343 15.30 8.77 13.81
CA ALA B 343 16.34 9.36 14.64
C ALA B 343 15.75 10.18 15.78
N ALA B 344 14.75 11.01 15.48
CA ALA B 344 14.13 11.86 16.48
C ALA B 344 13.16 11.12 17.39
N GLY B 345 13.01 9.81 17.23
CA GLY B 345 12.10 9.06 18.06
C GLY B 345 12.84 8.08 18.97
N PRO B 346 12.12 7.15 19.58
CA PRO B 346 12.77 6.23 20.51
C PRO B 346 13.63 5.21 19.79
N ALA B 347 14.53 4.62 20.55
CA ALA B 347 15.38 3.54 20.05
C ALA B 347 14.52 2.38 19.58
N PRO B 348 14.73 1.87 18.37
CA PRO B 348 13.88 0.77 17.87
C PRO B 348 13.89 -0.47 18.74
N GLU B 349 15.02 -0.79 19.38
CA GLU B 349 15.06 -1.92 20.30
C GLU B 349 14.07 -1.73 21.45
N ASP B 350 13.96 -0.51 21.95
CA ASP B 350 12.99 -0.28 23.03
C ASP B 350 11.57 -0.45 22.54
N VAL B 351 11.29 -0.07 21.29
CA VAL B 351 9.96 -0.29 20.72
C VAL B 351 9.67 -1.78 20.63
N VAL B 352 10.65 -2.55 20.15
CA VAL B 352 10.53 -4.00 20.12
C VAL B 352 10.21 -4.54 21.51
N VAL B 353 10.99 -4.12 22.51
CA VAL B 353 10.76 -4.59 23.87
C VAL B 353 9.33 -4.34 24.29
N ALA B 354 8.84 -3.13 24.03
CA ALA B 354 7.51 -2.73 24.46
C ALA B 354 6.40 -3.46 23.71
N LEU B 355 6.61 -3.83 22.45
CA LEU B 355 5.48 -4.27 21.63
C LEU B 355 5.57 -5.72 21.13
N ARG B 356 6.72 -6.40 21.32
CA ARG B 356 6.94 -7.69 20.69
C ARG B 356 5.89 -8.73 21.10
N GLU B 357 5.34 -8.62 22.30
CA GLU B 357 4.34 -9.57 22.77
C GLU B 357 2.91 -9.16 22.41
N ARG B 358 2.74 -8.03 21.75
CA ARG B 358 1.42 -7.47 21.57
C ARG B 358 1.03 -7.30 20.11
N VAL B 359 1.87 -7.74 19.15
CA VAL B 359 1.60 -7.55 17.73
C VAL B 359 1.91 -8.84 16.97
N GLN B 360 1.33 -8.93 15.78
CA GLN B 360 1.53 -10.09 14.91
C GLN B 360 2.62 -9.86 13.86
N THR B 361 2.74 -8.64 13.35
CA THR B 361 3.73 -8.31 12.34
C THR B 361 4.46 -7.03 12.73
N LEU B 362 5.57 -6.79 12.05
CA LEU B 362 6.30 -5.56 12.25
C LEU B 362 5.65 -4.39 11.55
N LYS B 363 4.78 -4.63 10.56
CA LYS B 363 3.98 -3.56 10.00
C LYS B 363 3.03 -3.02 11.06
N GLU B 364 2.36 -3.92 11.78
CA GLU B 364 1.51 -3.53 12.90
C GLU B 364 2.32 -2.86 14.00
N MET B 365 3.50 -3.39 14.31
CA MET B 365 4.32 -2.74 15.33
C MET B 365 4.66 -1.32 14.93
N ALA B 366 5.06 -1.10 13.67
CA ALA B 366 5.40 0.23 13.22
C ALA B 366 4.19 1.16 13.30
N GLU B 367 3.03 0.69 12.82
CA GLU B 367 1.81 1.49 12.88
C GLU B 367 1.49 1.89 14.31
N LYS B 368 1.65 0.96 15.26
CA LYS B 368 1.37 1.24 16.66
C LYS B 368 2.46 2.08 17.31
N ALA B 369 3.59 2.30 16.66
CA ALA B 369 4.67 3.09 17.23
C ALA B 369 4.73 4.50 16.66
N VAL B 370 3.90 4.82 15.66
CA VAL B 370 3.87 6.16 15.08
C VAL B 370 3.68 7.22 16.16
N VAL B 371 2.94 6.89 17.22
CA VAL B 371 2.60 7.86 18.25
C VAL B 371 3.86 8.42 18.93
N TRP B 372 4.95 7.65 18.95
CA TRP B 372 6.18 8.12 19.58
C TRP B 372 7.16 8.76 18.60
N TYR B 373 6.86 8.77 17.31
CA TYR B 373 7.78 9.28 16.30
C TYR B 373 7.28 10.55 15.65
N GLN B 374 6.21 11.14 16.16
CA GLN B 374 5.67 12.37 15.60
C GLN B 374 4.99 13.14 16.71
N PRO B 375 4.83 14.45 16.56
CA PRO B 375 4.08 15.21 17.57
C PRO B 375 2.66 14.70 17.71
N LEU B 376 2.15 14.76 18.94
CA LEU B 376 0.75 14.42 19.19
C LEU B 376 -0.08 15.66 18.90
N THR B 377 -0.74 15.67 17.75
CA THR B 377 -1.53 16.82 17.32
C THR B 377 -3.03 16.58 17.36
N GLU B 378 -3.46 15.33 17.53
CA GLU B 378 -4.88 14.98 17.48
C GLU B 378 -5.21 14.06 18.64
N TYR B 379 -6.29 14.40 19.34
CA TYR B 379 -6.82 13.60 20.43
C TYR B 379 -8.13 12.95 19.99
N ASP B 380 -8.37 11.74 20.47
CA ASP B 380 -9.71 11.17 20.38
C ASP B 380 -10.59 11.97 21.33
N GLU B 381 -11.54 12.74 20.78
CA GLU B 381 -12.25 13.70 21.61
C GLU B 381 -13.13 13.00 22.65
N ALA B 382 -13.59 11.79 22.35
CA ALA B 382 -14.25 10.98 23.37
C ALA B 382 -13.31 10.67 24.53
N ALA B 383 -12.06 10.32 24.21
CA ALA B 383 -11.09 9.98 25.26
C ALA B 383 -10.81 11.17 26.16
N VAL B 384 -10.72 12.38 25.60
CA VAL B 384 -10.53 13.56 26.42
C VAL B 384 -11.72 13.74 27.36
N ALA B 385 -12.93 13.45 26.88
CA ALA B 385 -14.11 13.63 27.69
C ALA B 385 -14.20 12.60 28.81
N LYS B 386 -13.67 11.39 28.59
CA LYS B 386 -13.75 10.33 29.58
C LYS B 386 -12.66 10.48 30.65
N HIS B 387 -11.46 10.85 30.24
CA HIS B 387 -10.27 10.65 31.04
C HIS B 387 -9.57 11.94 31.45
N PHE B 388 -10.00 13.09 30.94
CA PHE B 388 -9.47 14.39 31.34
C PHE B 388 -10.50 15.19 32.13
N LYS B 389 -11.38 14.50 32.87
CA LYS B 389 -12.32 15.18 33.73
C LYS B 389 -11.60 15.91 34.85
N ALA B 390 -12.29 16.86 35.48
CA ALA B 390 -11.73 17.54 36.64
C ALA B 390 -11.27 16.51 37.66
N GLY B 391 -10.09 16.76 38.25
CA GLY B 391 -9.44 15.82 39.12
C GLY B 391 -8.30 15.07 38.46
N ALA B 392 -8.39 14.84 37.15
CA ALA B 392 -7.31 14.14 36.44
C ALA B 392 -5.98 14.86 36.59
N GLU B 393 -6.00 16.19 36.75
CA GLU B 393 -4.76 16.95 36.87
C GLU B 393 -3.96 16.58 38.11
N VAL B 394 -4.57 15.92 39.09
CA VAL B 394 -3.83 15.51 40.29
C VAL B 394 -2.89 14.36 39.95
N ALA B 395 -3.41 13.34 39.26
CA ALA B 395 -2.56 12.23 38.86
C ALA B 395 -1.57 12.65 37.79
N LEU B 396 -2.02 13.40 36.78
CA LEU B 396 -1.10 13.89 35.76
C LEU B 396 -0.04 14.79 36.38
N GLY B 397 -0.44 15.68 37.30
CA GLY B 397 0.51 16.57 37.93
C GLY B 397 1.56 15.83 38.74
N LYS B 398 1.11 14.86 39.55
CA LYS B 398 2.05 14.11 40.38
C LYS B 398 3.03 13.33 39.51
N ALA B 399 2.51 12.62 38.51
CA ALA B 399 3.39 11.92 37.58
C ALA B 399 4.37 12.89 36.93
N ARG B 400 3.86 14.04 36.44
CA ARG B 400 4.72 15.01 35.78
C ARG B 400 5.88 15.41 36.68
N GLU B 401 5.61 15.62 37.96
CA GLU B 401 6.65 15.99 38.90
C GLU B 401 7.68 14.87 39.05
N LEU B 402 7.20 13.64 39.22
CA LEU B 402 8.12 12.52 39.50
C LEU B 402 8.94 12.15 38.28
N LEU B 403 8.32 12.12 37.10
CA LEU B 403 9.07 11.84 35.88
C LEU B 403 10.11 12.92 35.61
N ALA B 404 9.77 14.18 35.92
CA ALA B 404 10.73 15.25 35.75
C ALA B 404 11.97 15.04 36.61
N ALA B 405 11.78 14.63 37.88
CA ALA B 405 12.89 14.54 38.82
C ALA B 405 13.75 13.29 38.65
N LEU B 406 13.38 12.37 37.75
CA LEU B 406 14.21 11.19 37.53
C LEU B 406 15.59 11.62 37.04
N PRO B 407 16.68 11.17 37.68
CA PRO B 407 18.01 11.55 37.17
C PRO B 407 18.33 10.94 35.82
N GLU B 408 17.74 9.80 35.49
CA GLU B 408 17.99 9.11 34.24
C GLU B 408 16.66 8.68 33.65
N TRP B 409 16.60 8.57 32.33
CA TRP B 409 15.35 8.30 31.63
C TRP B 409 15.43 6.91 31.00
N THR B 410 14.96 5.91 31.74
CA THR B 410 14.89 4.53 31.26
C THR B 410 13.49 3.99 31.50
N ALA B 411 13.18 2.88 30.83
CA ALA B 411 11.89 2.22 31.06
C ALA B 411 11.73 1.81 32.52
N GLU B 412 12.79 1.28 33.14
CA GLU B 412 12.68 0.84 34.53
C GLU B 412 12.44 2.02 35.46
N SER B 413 13.18 3.12 35.27
CA SER B 413 13.03 4.28 36.13
C SER B 413 11.72 5.01 35.89
N VAL B 414 11.24 5.04 34.64
CA VAL B 414 9.91 5.59 34.40
C VAL B 414 8.87 4.81 35.21
N GLY B 415 9.00 3.49 35.24
CA GLY B 415 8.12 2.68 36.07
C GLY B 415 8.16 3.08 37.54
N VAL B 416 9.37 3.24 38.09
CA VAL B 416 9.48 3.54 39.52
C VAL B 416 8.80 4.87 39.83
N ALA B 417 8.99 5.87 38.97
CA ALA B 417 8.28 7.14 39.14
C ALA B 417 6.77 6.94 39.16
N LEU B 418 6.24 6.20 38.18
CA LEU B 418 4.80 6.00 38.14
C LEU B 418 4.32 5.19 39.35
N HIS B 419 5.08 4.17 39.75
CA HIS B 419 4.71 3.47 40.99
C HIS B 419 4.76 4.39 42.19
N ASP B 420 5.71 5.32 42.24
CA ASP B 420 5.73 6.27 43.36
C ASP B 420 4.54 7.23 43.28
N ALA B 421 4.15 7.61 42.06
CA ALA B 421 3.00 8.50 41.91
C ALA B 421 1.73 7.85 42.42
N ALA B 422 1.55 6.56 42.08
CA ALA B 422 0.40 5.80 42.54
C ALA B 422 0.39 5.65 44.06
N ALA B 423 1.56 5.46 44.67
CA ALA B 423 1.62 5.33 46.13
C ALA B 423 1.31 6.66 46.81
N ALA B 424 1.83 7.76 46.26
CA ALA B 424 1.59 9.07 46.88
C ALA B 424 0.12 9.44 46.83
N LEU B 425 -0.57 9.09 45.75
CA LEU B 425 -2.00 9.36 45.64
C LEU B 425 -2.85 8.24 46.23
N GLU B 426 -2.21 7.15 46.67
CA GLU B 426 -2.91 6.00 47.24
C GLU B 426 -3.97 5.46 46.27
N ILE B 427 -3.59 5.35 44.99
CA ILE B 427 -4.45 4.78 43.96
C ILE B 427 -3.64 3.75 43.20
N GLY B 428 -4.33 2.75 42.66
CA GLY B 428 -3.67 1.72 41.88
C GLY B 428 -2.99 2.29 40.64
N MET B 429 -2.09 1.48 40.07
CA MET B 429 -1.40 1.90 38.85
C MET B 429 -2.38 2.21 37.72
N GLY B 430 -3.46 1.43 37.62
CA GLY B 430 -4.43 1.64 36.55
C GLY B 430 -5.05 3.03 36.59
N LYS B 431 -5.24 3.59 37.80
CA LYS B 431 -5.81 4.93 37.89
C LYS B 431 -4.83 6.00 37.45
N VAL B 432 -3.54 5.80 37.68
CA VAL B 432 -2.56 6.76 37.16
C VAL B 432 -2.48 6.64 35.65
N ALA B 433 -2.54 5.40 35.12
CA ALA B 433 -2.40 5.17 33.70
C ALA B 433 -3.53 5.79 32.88
N GLN B 434 -4.74 5.88 33.45
CA GLN B 434 -5.88 6.31 32.65
C GLN B 434 -5.66 7.68 32.03
N PRO B 435 -5.50 8.76 32.80
CA PRO B 435 -5.26 10.05 32.13
C PRO B 435 -3.91 10.09 31.44
N LEU B 436 -2.91 9.42 32.02
CA LEU B 436 -1.56 9.49 31.49
C LEU B 436 -1.49 8.87 30.09
N ARG B 437 -2.23 7.79 29.86
CA ARG B 437 -2.23 7.17 28.55
C ARG B 437 -2.81 8.13 27.51
N VAL B 438 -3.88 8.85 27.87
CA VAL B 438 -4.42 9.82 26.92
C VAL B 438 -3.45 10.98 26.74
N ALA B 439 -2.72 11.34 27.79
CA ALA B 439 -1.72 12.40 27.68
C ALA B 439 -0.68 12.07 26.61
N ILE B 440 -0.20 10.83 26.60
CA ILE B 440 0.90 10.48 25.71
C ILE B 440 0.40 10.17 24.30
N THR B 441 -0.73 9.49 24.18
CA THR B 441 -1.16 8.93 22.91
C THR B 441 -2.42 9.55 22.34
N GLY B 442 -3.13 10.37 23.11
CA GLY B 442 -4.43 10.87 22.72
C GLY B 442 -5.54 9.84 22.73
N THR B 443 -5.24 8.61 23.15
CA THR B 443 -6.18 7.51 23.20
C THR B 443 -6.00 6.76 24.53
N GLN B 444 -6.93 5.83 24.78
CA GLN B 444 -6.80 4.89 25.89
C GLN B 444 -6.38 3.51 25.40
N VAL B 445 -5.56 3.47 24.35
CA VAL B 445 -5.04 2.23 23.78
C VAL B 445 -3.55 2.40 23.58
N SER B 446 -2.76 1.70 24.37
CA SER B 446 -1.30 1.74 24.30
C SER B 446 -0.77 0.49 24.98
N PRO B 447 0.53 0.22 24.88
CA PRO B 447 1.05 -0.91 25.65
C PRO B 447 1.20 -0.56 27.12
N ASP B 448 2.14 -1.19 27.82
CA ASP B 448 2.35 -0.90 29.22
C ASP B 448 2.58 0.59 29.46
N ILE B 449 1.95 1.15 30.51
CA ILE B 449 1.98 2.60 30.68
C ILE B 449 3.41 3.09 30.86
N SER B 450 4.24 2.34 31.56
CA SER B 450 5.62 2.77 31.77
C SER B 450 6.37 2.82 30.45
N HIS B 451 6.29 1.75 29.66
CA HIS B 451 6.92 1.77 28.36
C HIS B 451 6.32 2.87 27.49
N THR B 452 5.01 3.09 27.62
CA THR B 452 4.34 4.11 26.81
C THR B 452 4.91 5.49 27.07
N VAL B 453 5.02 5.85 28.34
CA VAL B 453 5.60 7.14 28.71
C VAL B 453 7.08 7.17 28.35
N TYR B 454 7.80 6.09 28.65
CA TYR B 454 9.23 6.05 28.37
C TYR B 454 9.52 6.31 26.90
N LEU B 455 8.81 5.61 26.00
CA LEU B 455 9.10 5.70 24.58
C LEU B 455 8.84 7.09 24.00
N ALA B 456 8.03 7.91 24.66
CA ALA B 456 7.91 9.30 24.23
C ALA B 456 9.24 10.04 24.33
N GLY B 457 10.13 9.60 25.23
CA GLY B 457 11.31 10.38 25.51
C GLY B 457 10.99 11.42 26.57
N ARG B 458 11.99 11.87 27.31
CA ARG B 458 11.72 12.75 28.45
C ARG B 458 11.01 14.04 28.02
N GLU B 459 11.58 14.74 27.04
CA GLU B 459 11.05 16.05 26.65
C GLU B 459 9.61 15.93 26.16
N GLN B 460 9.33 14.92 25.32
CA GLN B 460 7.98 14.76 24.78
C GLN B 460 6.99 14.31 25.86
N ALA B 461 7.42 13.41 26.75
CA ALA B 461 6.54 12.98 27.83
C ALA B 461 6.10 14.17 28.69
N LEU B 462 7.06 15.00 29.08
CA LEU B 462 6.72 16.16 29.89
C LEU B 462 5.84 17.13 29.12
N LYS B 463 6.22 17.45 27.88
CA LYS B 463 5.43 18.37 27.07
C LYS B 463 3.99 17.88 26.89
N ARG B 464 3.83 16.59 26.58
CA ARG B 464 2.48 16.06 26.35
C ARG B 464 1.66 16.02 27.64
N ILE B 465 2.29 15.76 28.78
CA ILE B 465 1.55 15.77 30.04
C ILE B 465 1.06 17.17 30.37
N ASP B 466 1.90 18.18 30.12
CA ASP B 466 1.50 19.55 30.42
C ASP B 466 0.33 19.98 29.57
N VAL B 467 0.33 19.61 28.29
CA VAL B 467 -0.83 19.91 27.45
C VAL B 467 -2.07 19.25 28.00
N ALA B 468 -1.95 18.00 28.44
CA ALA B 468 -3.08 17.31 29.06
C ALA B 468 -3.62 18.10 30.25
N ILE B 469 -2.73 18.57 31.12
CA ILE B 469 -3.20 19.27 32.32
C ILE B 469 -4.00 20.50 31.93
N THR B 470 -3.50 21.30 30.98
CA THR B 470 -4.24 22.47 30.52
C THR B 470 -5.56 22.09 29.85
N LYS B 471 -5.68 20.88 29.31
CA LYS B 471 -6.93 20.39 28.76
C LYS B 471 -7.88 19.81 29.80
N VAL B 472 -7.45 19.70 31.06
CA VAL B 472 -8.35 19.23 32.11
C VAL B 472 -9.36 20.32 32.46
#